data_4R8E
#
_entry.id   4R8E
#
_cell.length_a   74.670
_cell.length_b   63.910
_cell.length_c   89.290
_cell.angle_alpha   90.00
_cell.angle_beta   107.14
_cell.angle_gamma   90.00
#
_symmetry.space_group_name_H-M   'P 1 21 1'
#
loop_
_entity.id
_entity.type
_entity.pdbx_description
1 polymer '3-oxoacyl-[acyl-carrier-protein] synthase 2'
2 water water
#
_entity_poly.entity_id   1
_entity_poly.type   'polypeptide(L)'
_entity_poly.pdbx_seq_one_letter_code
;MSKRRVVVTGLGMLSPVGNTVESTWKAVLAGQSGISLIDHFDTSAYATRFAGLVKDFNCEDYISRKDARKMDAFIQYGVA
AGMQAMQDAGLDITEANASRIGAAIGSGIGGLGLIEENHTALVNGGPRKISPFFVPSTIVNMIAGHLTIMYGLRGPSISI
ATACTSGVHNIGHAARIIAYNDADVMVAGGAEKASTPLGVGGFGAARALSTRNDNPQAASRPWDKDRDGFVLGDGAGMMV
LEEYEHAKKRGAKIYAEVVGFGMSSDAYHMTSPPEDGSGAALAMVNALRDAGITTSQIGYINAHGTSTPAGDKAETQAVK
SVFGEDAYKVMVSSTKSMTGHLLGAAGAVESIFTVLALRDQAIPATINLDNPDEGCDLDYVPHDARQVKDMEYTLCNSFG
FGGTNGSLVFRKV
;
_entity_poly.pdbx_strand_id   A,B
#
# COMPACT_ATOMS: atom_id res chain seq x y z
N LYS A 3 -15.72 -12.74 -19.10
CA LYS A 3 -15.25 -13.13 -17.77
C LYS A 3 -13.86 -13.76 -17.86
N ARG A 4 -12.91 -13.15 -17.17
CA ARG A 4 -11.50 -13.53 -17.29
C ARG A 4 -11.01 -14.29 -16.06
N ARG A 5 -10.54 -15.51 -16.30
CA ARG A 5 -10.05 -16.39 -15.24
C ARG A 5 -8.55 -16.21 -15.05
N VAL A 6 -8.10 -16.29 -13.80
CA VAL A 6 -6.72 -16.01 -13.43
C VAL A 6 -6.03 -17.25 -12.88
N VAL A 7 -4.82 -17.53 -13.35
CA VAL A 7 -4.07 -18.70 -12.94
C VAL A 7 -2.66 -18.34 -12.48
N VAL A 8 -2.06 -19.25 -11.71
CA VAL A 8 -0.70 -19.07 -11.22
C VAL A 8 0.30 -19.78 -12.13
N THR A 9 1.21 -19.02 -12.73
CA THR A 9 2.17 -19.59 -13.67
C THR A 9 3.61 -19.45 -13.22
N GLY A 10 3.84 -19.06 -11.97
CA GLY A 10 5.18 -18.88 -11.48
C GLY A 10 5.26 -18.71 -9.97
N LEU A 11 6.28 -19.32 -9.37
CA LEU A 11 6.49 -19.22 -7.93
C LEU A 11 7.94 -18.88 -7.60
N GLY A 12 8.13 -18.15 -6.51
CA GLY A 12 9.45 -17.84 -6.00
C GLY A 12 9.29 -17.37 -4.57
N MET A 13 10.22 -17.72 -3.69
CA MET A 13 10.12 -17.29 -2.30
C MET A 13 11.41 -17.46 -1.50
N LEU A 14 11.52 -16.64 -0.45
CA LEU A 14 12.57 -16.75 0.55
C LEU A 14 11.91 -16.85 1.91
N SER A 15 12.28 -17.86 2.69
CA SER A 15 11.63 -18.11 3.97
C SER A 15 12.64 -18.56 5.02
N PRO A 16 12.22 -18.64 6.30
CA PRO A 16 13.11 -19.10 7.36
C PRO A 16 13.54 -20.56 7.23
N VAL A 17 12.84 -21.33 6.40
CA VAL A 17 13.15 -22.75 6.25
C VAL A 17 13.65 -23.12 4.86
N GLY A 18 13.99 -22.11 4.05
CA GLY A 18 14.49 -22.36 2.71
C GLY A 18 14.69 -21.14 1.83
N ASN A 19 15.65 -21.22 0.92
CA ASN A 19 15.97 -20.12 0.01
C ASN A 19 15.33 -20.31 -1.37
N THR A 20 14.60 -21.40 -1.56
CA THR A 20 13.82 -21.61 -2.78
C THR A 20 12.44 -22.16 -2.41
N VAL A 21 11.57 -22.26 -3.40
CA VAL A 21 10.22 -22.77 -3.19
C VAL A 21 10.23 -24.24 -2.79
N GLU A 22 10.86 -25.07 -3.60
CA GLU A 22 10.84 -26.52 -3.39
C GLU A 22 11.57 -26.94 -2.12
N SER A 23 12.64 -26.23 -1.78
CA SER A 23 13.36 -26.51 -0.54
C SER A 23 12.52 -26.11 0.67
N THR A 24 11.88 -24.95 0.58
CA THR A 24 10.99 -24.49 1.66
C THR A 24 9.82 -25.45 1.81
N TRP A 25 9.30 -25.91 0.68
CA TRP A 25 8.16 -26.83 0.67
C TRP A 25 8.53 -28.15 1.31
N LYS A 26 9.72 -28.65 1.00
CA LYS A 26 10.22 -29.88 1.60
C LYS A 26 10.29 -29.79 3.12
N ALA A 27 10.90 -28.73 3.61
CA ALA A 27 11.05 -28.51 5.04
C ALA A 27 9.70 -28.39 5.73
N VAL A 28 8.74 -27.80 5.02
CA VAL A 28 7.41 -27.61 5.57
C VAL A 28 6.69 -28.95 5.72
N LEU A 29 6.84 -29.82 4.73
CA LEU A 29 6.20 -31.13 4.77
C LEU A 29 6.91 -32.04 5.77
N ALA A 30 8.21 -31.83 5.95
CA ALA A 30 9.00 -32.62 6.88
C ALA A 30 8.92 -32.07 8.30
N GLY A 31 8.27 -30.92 8.45
CA GLY A 31 8.09 -30.30 9.75
C GLY A 31 9.36 -29.71 10.36
N GLN A 32 10.23 -29.12 9.54
CA GLN A 32 11.43 -28.50 10.05
C GLN A 32 11.16 -27.06 10.47
N SER A 33 11.71 -26.66 11.60
CA SER A 33 11.54 -25.31 12.13
C SER A 33 12.59 -24.36 11.58
N GLY A 34 12.19 -23.10 11.38
CA GLY A 34 13.08 -22.09 10.83
C GLY A 34 13.40 -21.00 11.83
N ILE A 35 13.01 -21.22 13.08
CA ILE A 35 13.22 -20.22 14.13
C ILE A 35 14.62 -20.34 14.70
N SER A 36 15.35 -19.22 14.68
CA SER A 36 16.72 -19.15 15.17
C SER A 36 16.87 -18.00 16.15
N LEU A 37 17.98 -17.99 16.88
CA LEU A 37 18.30 -16.89 17.77
C LEU A 37 18.93 -15.75 16.97
N ILE A 38 18.50 -14.53 17.24
CA ILE A 38 18.92 -13.35 16.47
C ILE A 38 20.36 -12.96 16.74
N ASP A 39 21.05 -12.50 15.69
CA ASP A 39 22.45 -12.13 15.72
C ASP A 39 22.83 -10.80 15.08
N HIS A 40 22.00 -10.07 14.36
CA HIS A 40 22.54 -8.92 13.65
C HIS A 40 22.43 -7.68 14.55
N PHE A 41 22.12 -7.90 15.84
CA PHE A 41 22.21 -6.87 16.86
C PHE A 41 22.12 -7.47 18.27
N ASP A 42 22.65 -6.74 19.25
CA ASP A 42 22.70 -7.23 20.63
C ASP A 42 21.31 -7.35 21.25
N THR A 43 20.94 -8.58 21.62
CA THR A 43 19.62 -8.84 22.19
C THR A 43 19.65 -9.04 23.70
N SER A 44 20.69 -8.51 24.36
CA SER A 44 20.85 -8.67 25.79
C SER A 44 19.66 -8.11 26.57
N ALA A 45 19.20 -6.93 26.17
CA ALA A 45 18.15 -6.22 26.91
C ALA A 45 16.75 -6.51 26.39
N TYR A 46 16.64 -7.38 25.39
CA TYR A 46 15.34 -7.73 24.80
C TYR A 46 14.73 -8.96 25.47
N ALA A 47 13.41 -8.95 25.59
CA ALA A 47 12.69 -10.06 26.20
C ALA A 47 12.58 -11.23 25.22
N THR A 48 12.53 -10.92 23.92
CA THR A 48 12.51 -11.94 22.87
C THR A 48 13.78 -11.82 22.04
N ARG A 49 14.51 -12.92 21.92
CA ARG A 49 15.83 -12.92 21.29
C ARG A 49 15.91 -13.86 20.09
N PHE A 50 14.75 -14.36 19.64
CA PHE A 50 14.71 -15.28 18.50
C PHE A 50 13.71 -14.82 17.45
N ALA A 51 13.85 -15.37 16.25
CA ALA A 51 12.98 -15.05 15.14
C ALA A 51 13.21 -16.02 13.98
N GLY A 52 12.30 -16.03 13.01
CA GLY A 52 12.48 -16.81 11.80
C GLY A 52 13.31 -16.03 10.79
N LEU A 53 14.57 -16.43 10.63
CA LEU A 53 15.50 -15.70 9.79
C LEU A 53 15.80 -16.43 8.48
N VAL A 54 15.95 -15.66 7.40
CA VAL A 54 16.42 -16.20 6.14
C VAL A 54 17.92 -16.48 6.24
N LYS A 55 18.30 -17.74 6.08
CA LYS A 55 19.68 -18.16 6.32
C LYS A 55 20.50 -18.31 5.05
N ASP A 56 21.79 -18.01 5.15
CA ASP A 56 22.75 -18.13 4.06
C ASP A 56 22.32 -17.39 2.80
N PHE A 57 21.70 -16.23 2.96
CA PHE A 57 21.26 -15.43 1.82
C PHE A 57 22.35 -14.46 1.39
N ASN A 58 22.76 -14.59 0.14
CA ASN A 58 23.66 -13.64 -0.49
C ASN A 58 22.95 -12.99 -1.67
N CYS A 59 22.78 -11.68 -1.61
CA CYS A 59 22.01 -10.98 -2.63
C CYS A 59 22.83 -10.70 -3.88
N GLU A 60 24.13 -10.98 -3.82
CA GLU A 60 25.00 -10.77 -4.98
C GLU A 60 24.89 -11.96 -5.93
N ASP A 61 24.16 -12.97 -5.49
CA ASP A 61 23.73 -14.05 -6.38
C ASP A 61 22.72 -13.51 -7.39
N TYR A 62 21.93 -12.53 -6.95
CA TYR A 62 20.84 -11.98 -7.76
C TYR A 62 21.20 -10.63 -8.37
N ILE A 63 21.72 -9.73 -7.53
CA ILE A 63 22.00 -8.36 -7.95
C ILE A 63 23.33 -7.82 -7.45
N SER A 64 23.99 -7.03 -8.30
CA SER A 64 25.31 -6.47 -8.00
C SER A 64 25.30 -5.71 -6.69
N ARG A 65 26.48 -5.50 -6.12
CA ARG A 65 26.56 -4.95 -4.78
C ARG A 65 26.30 -3.45 -4.74
N LYS A 66 26.47 -2.76 -5.87
CA LYS A 66 26.15 -1.34 -5.95
C LYS A 66 24.65 -1.18 -5.80
N ASP A 67 23.90 -2.02 -6.52
CA ASP A 67 22.46 -2.08 -6.39
C ASP A 67 22.07 -2.58 -5.01
N ALA A 68 22.80 -3.59 -4.53
CA ALA A 68 22.54 -4.19 -3.24
C ALA A 68 22.66 -3.15 -2.13
N ARG A 69 23.59 -2.22 -2.32
CA ARG A 69 23.84 -1.16 -1.36
C ARG A 69 22.67 -0.19 -1.21
N LYS A 70 21.94 0.06 -2.29
CA LYS A 70 20.82 1.00 -2.27
C LYS A 70 19.48 0.32 -1.98
N MET A 71 19.52 -0.78 -1.22
CA MET A 71 18.34 -1.56 -0.91
C MET A 71 18.31 -1.90 0.57
N ASP A 72 17.16 -1.73 1.20
CA ASP A 72 16.95 -2.30 2.51
C ASP A 72 16.83 -3.80 2.30
N ALA A 73 17.02 -4.56 3.36
CA ALA A 73 16.99 -6.01 3.27
C ALA A 73 15.64 -6.51 2.72
N PHE A 74 14.55 -5.88 3.10
CA PHE A 74 13.23 -6.33 2.67
C PHE A 74 13.04 -6.12 1.16
N ILE A 75 13.73 -5.13 0.60
CA ILE A 75 13.71 -4.94 -0.84
C ILE A 75 14.60 -6.00 -1.51
N GLN A 76 15.71 -6.33 -0.87
CA GLN A 76 16.59 -7.37 -1.39
C GLN A 76 15.86 -8.72 -1.47
N TYR A 77 15.18 -9.10 -0.39
CA TYR A 77 14.40 -10.33 -0.37
C TYR A 77 13.33 -10.32 -1.44
N GLY A 78 12.59 -9.21 -1.52
CA GLY A 78 11.49 -9.09 -2.45
C GLY A 78 11.95 -9.22 -3.89
N VAL A 79 13.07 -8.57 -4.21
CA VAL A 79 13.60 -8.57 -5.56
C VAL A 79 14.07 -9.98 -5.94
N ALA A 80 14.84 -10.59 -5.05
CA ALA A 80 15.34 -11.95 -5.25
C ALA A 80 14.20 -12.94 -5.54
N ALA A 81 13.14 -12.88 -4.73
CA ALA A 81 11.99 -13.74 -4.93
C ALA A 81 11.27 -13.41 -6.22
N GLY A 82 11.31 -12.13 -6.59
CA GLY A 82 10.66 -11.68 -7.80
C GLY A 82 11.29 -12.35 -9.00
N MET A 83 12.62 -12.36 -9.02
CA MET A 83 13.36 -13.00 -10.11
C MET A 83 13.00 -14.48 -10.21
N GLN A 84 13.01 -15.16 -9.07
CA GLN A 84 12.68 -16.58 -9.02
C GLN A 84 11.35 -16.85 -9.71
N ALA A 85 10.35 -16.02 -9.40
CA ALA A 85 9.03 -16.18 -9.97
C ALA A 85 9.04 -15.92 -11.47
N MET A 86 9.74 -14.85 -11.88
CA MET A 86 9.86 -14.51 -13.30
C MET A 86 10.57 -15.61 -14.07
N GLN A 87 11.64 -16.14 -13.49
CA GLN A 87 12.40 -17.22 -14.11
C GLN A 87 11.54 -18.48 -14.22
N ASP A 88 10.77 -18.76 -13.17
CA ASP A 88 9.89 -19.92 -13.15
C ASP A 88 8.77 -19.77 -14.18
N ALA A 89 8.32 -18.53 -14.38
CA ALA A 89 7.21 -18.24 -15.27
C ALA A 89 7.59 -18.47 -16.73
N GLY A 90 8.84 -18.14 -17.08
CA GLY A 90 9.30 -18.31 -18.43
C GLY A 90 8.58 -17.39 -19.40
N LEU A 91 8.53 -16.11 -19.04
CA LEU A 91 7.81 -15.11 -19.83
C LEU A 91 8.70 -14.48 -20.90
N ASP A 92 8.15 -14.28 -22.09
CA ASP A 92 8.84 -13.58 -23.17
C ASP A 92 8.42 -12.11 -23.19
N ILE A 93 9.32 -11.23 -22.77
CA ILE A 93 9.02 -9.81 -22.67
C ILE A 93 9.39 -9.06 -23.95
N THR A 94 8.39 -8.80 -24.78
CA THR A 94 8.54 -8.00 -25.99
C THR A 94 7.89 -6.65 -25.74
N GLU A 95 7.90 -5.77 -26.73
CA GLU A 95 7.35 -4.42 -26.57
C GLU A 95 5.83 -4.40 -26.34
N ALA A 96 5.06 -5.04 -27.21
CA ALA A 96 3.61 -5.04 -27.04
C ALA A 96 3.26 -5.69 -25.71
N ASN A 97 3.85 -6.85 -25.49
CA ASN A 97 3.75 -7.58 -24.24
C ASN A 97 3.96 -6.69 -23.02
N ALA A 98 4.95 -5.79 -23.12
CA ALA A 98 5.43 -5.04 -21.98
C ALA A 98 4.33 -4.18 -21.34
N SER A 99 3.52 -3.52 -22.16
CA SER A 99 2.46 -2.67 -21.62
C SER A 99 1.43 -3.48 -20.83
N ARG A 100 1.32 -4.78 -21.15
CA ARG A 100 0.31 -5.65 -20.52
C ARG A 100 0.82 -6.45 -19.32
N ILE A 101 2.02 -6.13 -18.83
CA ILE A 101 2.57 -6.83 -17.66
C ILE A 101 2.96 -5.82 -16.57
N GLY A 102 2.49 -6.06 -15.35
CA GLY A 102 2.77 -5.17 -14.23
C GLY A 102 3.12 -5.89 -12.95
N ALA A 103 2.99 -5.19 -11.82
CA ALA A 103 3.37 -5.74 -10.52
C ALA A 103 2.51 -5.21 -9.38
N ALA A 104 2.28 -6.07 -8.40
CA ALA A 104 1.55 -5.70 -7.20
C ALA A 104 2.24 -6.31 -6.00
N ILE A 105 3.26 -5.61 -5.48
CA ILE A 105 4.09 -6.13 -4.41
C ILE A 105 4.13 -5.14 -3.26
N GLY A 106 3.88 -5.64 -2.05
CA GLY A 106 3.77 -4.79 -0.89
C GLY A 106 4.61 -5.24 0.30
N SER A 107 4.41 -4.55 1.41
CA SER A 107 5.10 -4.86 2.66
C SER A 107 4.38 -4.12 3.78
N GLY A 108 4.35 -4.72 4.96
CA GLY A 108 3.65 -4.12 6.07
C GLY A 108 4.39 -2.95 6.69
N ILE A 109 5.72 -3.10 6.80
CA ILE A 109 6.54 -2.16 7.54
C ILE A 109 7.63 -1.51 6.68
N GLY A 110 8.12 -2.26 5.69
CA GLY A 110 9.12 -1.73 4.78
C GLY A 110 10.50 -1.62 5.42
N GLY A 111 11.31 -0.72 4.90
CA GLY A 111 12.72 -0.66 5.24
C GLY A 111 13.03 -0.01 6.57
N LEU A 112 12.61 -0.65 7.65
CA LEU A 112 12.85 -0.10 8.97
C LEU A 112 14.34 -0.10 9.31
N GLY A 113 15.05 -1.14 8.84
CA GLY A 113 16.45 -1.29 9.12
C GLY A 113 17.29 -0.12 8.66
N LEU A 114 17.08 0.29 7.40
CA LEU A 114 17.89 1.37 6.82
C LEU A 114 17.44 2.74 7.31
N ILE A 115 16.23 2.82 7.85
CA ILE A 115 15.76 4.04 8.49
C ILE A 115 16.50 4.26 9.81
N GLU A 116 16.74 3.17 10.53
CA GLU A 116 17.52 3.20 11.76
C GLU A 116 18.95 3.66 11.46
N GLU A 117 19.54 3.05 10.44
CA GLU A 117 20.92 3.32 10.06
C GLU A 117 21.13 4.80 9.73
N ASN A 118 20.32 5.32 8.82
CA ASN A 118 20.43 6.71 8.39
C ASN A 118 20.10 7.70 9.50
N HIS A 119 19.17 7.32 10.37
CA HIS A 119 18.80 8.18 11.49
C HIS A 119 19.98 8.33 12.46
N THR A 120 20.61 7.20 12.77
CA THR A 120 21.78 7.19 13.66
C THR A 120 22.90 8.03 13.06
N ALA A 121 23.05 7.95 11.73
CA ALA A 121 24.03 8.76 11.02
C ALA A 121 23.70 10.24 11.18
N LEU A 122 22.44 10.59 10.95
CA LEU A 122 21.98 11.98 11.10
C LEU A 122 22.28 12.52 12.48
N VAL A 123 21.96 11.72 13.50
CA VAL A 123 22.17 12.12 14.88
C VAL A 123 23.66 12.34 15.17
N ASN A 124 24.50 11.51 14.56
CA ASN A 124 25.93 11.55 14.81
C ASN A 124 26.67 12.60 13.98
N GLY A 125 26.15 12.92 12.79
CA GLY A 125 26.89 13.72 11.83
C GLY A 125 26.11 14.79 11.09
N GLY A 126 24.79 14.82 11.27
CA GLY A 126 23.96 15.81 10.61
C GLY A 126 23.38 15.35 9.29
N PRO A 127 22.50 16.16 8.68
CA PRO A 127 21.77 15.78 7.48
C PRO A 127 22.64 15.53 6.25
N ARG A 128 23.93 15.90 6.32
CA ARG A 128 24.82 15.73 5.18
C ARG A 128 25.50 14.36 5.18
N LYS A 129 25.27 13.58 6.23
CA LYS A 129 25.78 12.22 6.30
C LYS A 129 24.64 11.21 6.09
N ILE A 130 23.45 11.72 5.76
CA ILE A 130 22.37 10.87 5.29
C ILE A 130 22.68 10.40 3.88
N SER A 131 22.45 9.12 3.61
CA SER A 131 22.70 8.57 2.28
C SER A 131 21.79 9.22 1.25
N PRO A 132 22.35 9.56 0.07
CA PRO A 132 21.52 10.15 -0.99
C PRO A 132 20.45 9.19 -1.53
N PHE A 133 20.55 7.91 -1.19
CA PHE A 133 19.56 6.92 -1.61
C PHE A 133 18.63 6.50 -0.47
N PHE A 134 18.53 7.33 0.56
CA PHE A 134 17.67 7.04 1.69
C PHE A 134 16.25 6.66 1.26
N VAL A 135 15.59 7.57 0.55
CA VAL A 135 14.21 7.36 0.18
C VAL A 135 14.02 6.17 -0.77
N PRO A 136 14.80 6.11 -1.87
CA PRO A 136 14.60 4.94 -2.75
C PRO A 136 14.98 3.60 -2.13
N SER A 137 15.66 3.62 -0.99
CA SER A 137 16.12 2.38 -0.37
C SER A 137 15.20 1.87 0.74
N THR A 138 14.19 2.67 1.11
CA THR A 138 13.38 2.35 2.29
C THR A 138 11.86 2.23 2.05
N ILE A 139 11.31 2.98 1.10
CA ILE A 139 9.86 3.00 0.97
C ILE A 139 9.34 1.71 0.32
N VAL A 140 8.11 1.37 0.66
CA VAL A 140 7.53 0.05 0.37
C VAL A 140 7.49 -0.35 -1.11
N ASN A 141 7.18 0.60 -1.99
CA ASN A 141 6.89 0.29 -3.37
C ASN A 141 8.12 0.14 -4.27
N MET A 142 9.31 0.07 -3.66
CA MET A 142 10.54 0.02 -4.47
C MET A 142 10.86 -1.41 -4.94
N ILE A 143 10.18 -2.42 -4.39
CA ILE A 143 10.38 -3.78 -4.90
C ILE A 143 9.83 -3.86 -6.32
N ALA A 144 8.61 -3.37 -6.51
CA ALA A 144 7.99 -3.34 -7.82
C ALA A 144 8.76 -2.40 -8.74
N GLY A 145 9.34 -1.36 -8.14
CA GLY A 145 10.14 -0.40 -8.88
C GLY A 145 11.34 -1.05 -9.54
N HIS A 146 12.10 -1.81 -8.75
CA HIS A 146 13.28 -2.48 -9.27
C HIS A 146 12.91 -3.54 -10.28
N LEU A 147 11.86 -4.30 -9.97
CA LEU A 147 11.45 -5.41 -10.84
C LEU A 147 10.96 -4.92 -12.20
N THR A 148 10.16 -3.86 -12.22
CA THR A 148 9.66 -3.32 -13.47
C THR A 148 10.82 -2.89 -14.36
N ILE A 149 11.75 -2.14 -13.78
CA ILE A 149 12.94 -1.69 -14.50
C ILE A 149 13.75 -2.86 -15.01
N MET A 150 14.03 -3.83 -14.13
CA MET A 150 14.80 -5.01 -14.48
C MET A 150 14.28 -5.74 -15.70
N TYR A 151 12.97 -5.97 -15.74
CA TYR A 151 12.36 -6.79 -16.78
C TYR A 151 11.61 -5.96 -17.83
N GLY A 152 11.62 -4.64 -17.68
CA GLY A 152 10.96 -3.76 -18.64
C GLY A 152 9.44 -3.88 -18.61
N LEU A 153 8.87 -4.04 -17.43
CA LEU A 153 7.43 -4.13 -17.27
C LEU A 153 6.80 -2.73 -17.21
N ARG A 154 5.85 -2.46 -18.10
CA ARG A 154 5.28 -1.12 -18.23
C ARG A 154 3.82 -1.07 -17.79
N GLY A 155 3.27 -2.19 -17.37
CA GLY A 155 1.88 -2.27 -16.95
C GLY A 155 1.63 -1.68 -15.57
N PRO A 156 0.39 -1.82 -15.07
CA PRO A 156 -0.03 -1.29 -13.77
C PRO A 156 0.90 -1.72 -12.64
N SER A 157 1.24 -0.79 -11.74
CA SER A 157 2.16 -1.07 -10.64
C SER A 157 1.63 -0.52 -9.32
N ILE A 158 1.30 -1.41 -8.39
CA ILE A 158 0.88 -0.99 -7.06
C ILE A 158 1.63 -1.70 -5.94
N SER A 159 1.40 -1.22 -4.72
CA SER A 159 1.98 -1.80 -3.53
C SER A 159 1.01 -1.62 -2.37
N ILE A 160 0.31 -2.69 -2.02
CA ILE A 160 -0.64 -2.64 -0.93
C ILE A 160 0.09 -2.89 0.37
N ALA A 161 -0.07 -1.97 1.31
CA ALA A 161 0.58 -2.06 2.60
C ALA A 161 -0.47 -2.18 3.69
N THR A 162 -0.87 -3.41 3.99
CA THR A 162 -1.91 -3.66 4.99
C THR A 162 -1.40 -4.62 6.05
N ALA A 163 -0.23 -4.31 6.60
CA ALA A 163 0.39 -5.10 7.67
C ALA A 163 0.48 -6.59 7.31
N CYS A 164 -0.12 -7.44 8.15
CA CYS A 164 -0.04 -8.88 7.96
C CYS A 164 -0.79 -9.36 6.72
N THR A 165 -1.67 -8.52 6.18
CA THR A 165 -2.56 -8.91 5.10
C THR A 165 -2.00 -8.52 3.72
N SER A 166 -0.84 -7.87 3.71
CA SER A 166 -0.26 -7.33 2.48
C SER A 166 -0.17 -8.36 1.36
N GLY A 167 0.42 -9.52 1.65
CA GLY A 167 0.58 -10.58 0.66
C GLY A 167 -0.72 -10.93 -0.03
N VAL A 168 -1.75 -11.21 0.76
CA VAL A 168 -3.05 -11.63 0.22
C VAL A 168 -3.75 -10.52 -0.57
N HIS A 169 -3.69 -9.28 -0.08
CA HIS A 169 -4.34 -8.17 -0.77
C HIS A 169 -3.67 -7.90 -2.11
N ASN A 170 -2.35 -8.01 -2.13
CA ASN A 170 -1.59 -7.76 -3.35
C ASN A 170 -1.92 -8.79 -4.44
N ILE A 171 -1.94 -10.05 -4.05
CA ILE A 171 -2.25 -11.13 -4.98
C ILE A 171 -3.68 -10.98 -5.49
N GLY A 172 -4.61 -10.77 -4.56
CA GLY A 172 -6.01 -10.65 -4.90
C GLY A 172 -6.29 -9.51 -5.87
N HIS A 173 -5.71 -8.35 -5.60
CA HIS A 173 -5.93 -7.18 -6.44
C HIS A 173 -5.16 -7.27 -7.75
N ALA A 174 -4.07 -8.04 -7.75
CA ALA A 174 -3.37 -8.33 -9.00
C ALA A 174 -4.30 -9.12 -9.92
N ALA A 175 -5.07 -10.03 -9.32
CA ALA A 175 -6.02 -10.82 -10.08
C ALA A 175 -7.19 -9.96 -10.58
N ARG A 176 -7.61 -9.00 -9.76
CA ARG A 176 -8.68 -8.08 -10.14
C ARG A 176 -8.26 -7.25 -11.34
N ILE A 177 -7.03 -6.75 -11.27
CA ILE A 177 -6.46 -5.96 -12.36
C ILE A 177 -6.45 -6.75 -13.65
N ILE A 178 -6.02 -8.01 -13.57
CA ILE A 178 -6.03 -8.89 -14.74
C ILE A 178 -7.46 -9.15 -15.20
N ALA A 179 -8.33 -9.46 -14.25
CA ALA A 179 -9.72 -9.80 -14.55
C ALA A 179 -10.49 -8.61 -15.12
N TYR A 180 -10.11 -7.41 -14.70
CA TYR A 180 -10.70 -6.17 -15.22
C TYR A 180 -10.12 -5.85 -16.60
N ASN A 181 -9.06 -6.56 -16.96
CA ASN A 181 -8.38 -6.46 -18.26
C ASN A 181 -7.36 -5.31 -18.34
N ASP A 182 -6.96 -4.75 -17.20
CA ASP A 182 -5.94 -3.71 -17.18
C ASP A 182 -4.54 -4.30 -17.39
N ALA A 183 -4.42 -5.63 -17.25
CA ALA A 183 -3.16 -6.32 -17.50
C ALA A 183 -3.41 -7.78 -17.87
N ASP A 184 -2.40 -8.44 -18.45
CA ASP A 184 -2.49 -9.86 -18.78
C ASP A 184 -1.70 -10.70 -17.77
N VAL A 185 -0.56 -10.15 -17.34
CA VAL A 185 0.29 -10.81 -16.35
C VAL A 185 0.55 -9.87 -15.18
N MET A 186 0.67 -10.44 -13.98
CA MET A 186 1.02 -9.66 -12.80
C MET A 186 1.95 -10.45 -11.87
N VAL A 187 3.05 -9.81 -11.48
CA VAL A 187 3.89 -10.33 -10.40
C VAL A 187 3.32 -9.81 -9.10
N ALA A 188 3.02 -10.70 -8.16
CA ALA A 188 2.37 -10.32 -6.90
C ALA A 188 2.98 -11.03 -5.70
N GLY A 189 2.85 -10.41 -4.53
CA GLY A 189 3.37 -10.97 -3.30
C GLY A 189 3.77 -9.91 -2.29
N GLY A 190 4.58 -10.30 -1.32
CA GLY A 190 5.02 -9.41 -0.27
C GLY A 190 6.39 -9.78 0.24
N ALA A 191 7.04 -8.84 0.93
CA ALA A 191 8.36 -9.07 1.50
C ALA A 191 8.47 -8.38 2.85
N GLU A 192 9.25 -8.95 3.77
CA GLU A 192 9.37 -8.38 5.10
C GLU A 192 10.69 -8.73 5.79
N LYS A 193 11.20 -7.75 6.53
CA LYS A 193 12.42 -7.85 7.33
C LYS A 193 12.22 -6.99 8.59
N ALA A 194 11.45 -7.49 9.55
CA ALA A 194 11.13 -6.70 10.74
C ALA A 194 11.96 -7.17 11.94
N SER A 195 12.94 -8.03 11.68
CA SER A 195 13.87 -8.44 12.72
C SER A 195 14.95 -7.39 12.86
N THR A 196 14.56 -6.19 13.27
CA THR A 196 15.51 -5.11 13.53
C THR A 196 15.36 -4.71 15.00
N PRO A 197 16.35 -4.00 15.56
CA PRO A 197 16.25 -3.55 16.95
C PRO A 197 14.93 -2.84 17.26
N LEU A 198 14.49 -1.96 16.35
CA LEU A 198 13.25 -1.23 16.54
C LEU A 198 12.03 -2.11 16.28
N GLY A 199 12.19 -3.07 15.37
CA GLY A 199 11.10 -3.97 15.03
C GLY A 199 10.77 -4.94 16.15
N VAL A 200 11.80 -5.61 16.65
CA VAL A 200 11.62 -6.57 17.74
C VAL A 200 11.24 -5.85 19.02
N GLY A 201 11.84 -4.69 19.24
CA GLY A 201 11.53 -3.87 20.40
C GLY A 201 10.11 -3.34 20.37
N GLY A 202 9.66 -2.95 19.18
CA GLY A 202 8.32 -2.40 19.01
C GLY A 202 7.22 -3.40 19.31
N PHE A 203 7.35 -4.60 18.76
CA PHE A 203 6.38 -5.66 19.04
C PHE A 203 6.55 -6.16 20.47
N GLY A 204 7.79 -6.14 20.96
CA GLY A 204 8.07 -6.52 22.32
C GLY A 204 7.43 -5.56 23.31
N ALA A 205 7.48 -4.28 22.97
CA ALA A 205 6.88 -3.24 23.80
C ALA A 205 5.37 -3.44 23.91
N ALA A 206 4.78 -3.99 22.85
CA ALA A 206 3.33 -4.24 22.83
C ALA A 206 2.98 -5.54 23.53
N ARG A 207 4.00 -6.27 24.00
CA ARG A 207 3.81 -7.50 24.77
C ARG A 207 3.06 -8.56 23.97
N ALA A 208 3.26 -8.55 22.65
CA ALA A 208 2.59 -9.48 21.74
C ALA A 208 3.50 -10.64 21.32
N LEU A 209 4.78 -10.53 21.64
CA LEU A 209 5.77 -11.52 21.21
C LEU A 209 5.93 -12.66 22.22
N SER A 210 6.39 -13.81 21.73
CA SER A 210 6.71 -14.94 22.58
C SER A 210 8.01 -14.71 23.33
N THR A 211 8.16 -15.34 24.49
CA THR A 211 9.32 -15.12 25.36
C THR A 211 9.95 -16.46 25.76
N ARG A 212 9.65 -17.51 24.99
CA ARG A 212 10.22 -18.82 25.26
C ARG A 212 11.64 -18.92 24.69
N ASN A 213 12.56 -18.14 25.23
CA ASN A 213 13.94 -18.12 24.75
C ASN A 213 14.68 -19.42 25.01
N ASP A 214 14.18 -20.20 25.97
CA ASP A 214 14.82 -21.45 26.37
C ASP A 214 14.59 -22.56 25.33
N ASN A 215 13.47 -22.47 24.61
CA ASN A 215 13.18 -23.39 23.52
C ASN A 215 12.52 -22.65 22.35
N PRO A 216 13.34 -21.95 21.54
CA PRO A 216 12.87 -21.10 20.45
C PRO A 216 12.01 -21.81 19.41
N GLN A 217 12.38 -23.05 19.08
CA GLN A 217 11.72 -23.75 17.98
C GLN A 217 10.41 -24.40 18.42
N ALA A 218 10.12 -24.34 19.72
CA ALA A 218 8.84 -24.81 20.24
C ALA A 218 7.96 -23.63 20.64
N ALA A 219 8.49 -22.42 20.48
CA ALA A 219 7.80 -21.20 20.91
C ALA A 219 6.51 -20.95 20.14
N SER A 220 6.57 -21.07 18.81
CA SER A 220 5.38 -20.88 17.99
C SER A 220 4.52 -22.14 18.03
N ARG A 221 3.42 -22.06 18.78
CA ARG A 221 2.56 -23.22 19.02
C ARG A 221 1.09 -22.84 18.94
N PRO A 222 0.59 -22.60 17.73
CA PRO A 222 -0.81 -22.18 17.55
C PRO A 222 -1.84 -23.18 18.09
N TRP A 223 -2.83 -22.64 18.78
CA TRP A 223 -3.95 -23.39 19.36
C TRP A 223 -3.54 -24.28 20.53
N ASP A 224 -2.27 -24.21 20.94
CA ASP A 224 -1.83 -24.91 22.13
C ASP A 224 -2.33 -24.15 23.36
N LYS A 225 -2.28 -24.76 24.53
CA LYS A 225 -2.75 -24.11 25.75
C LYS A 225 -1.73 -23.11 26.28
N ASP A 226 -0.46 -23.34 25.96
CA ASP A 226 0.62 -22.52 26.51
C ASP A 226 1.27 -21.61 25.48
N ARG A 227 0.54 -21.26 24.43
CA ARG A 227 0.99 -20.22 23.50
C ARG A 227 1.08 -18.89 24.24
N ASP A 228 2.09 -18.09 23.90
CA ASP A 228 2.33 -16.83 24.60
C ASP A 228 2.69 -15.69 23.64
N GLY A 229 2.15 -15.76 22.42
CA GLY A 229 2.36 -14.71 21.43
C GLY A 229 3.02 -15.25 20.18
N PHE A 230 3.08 -14.43 19.12
CA PHE A 230 3.64 -14.90 17.87
C PHE A 230 5.15 -14.71 17.81
N VAL A 231 5.77 -15.49 16.95
CA VAL A 231 7.19 -15.40 16.68
C VAL A 231 7.35 -14.69 15.36
N LEU A 232 8.18 -13.65 15.36
CA LEU A 232 8.39 -12.82 14.20
C LEU A 232 9.24 -13.58 13.19
N GLY A 233 8.94 -13.42 11.91
CA GLY A 233 9.67 -14.09 10.85
C GLY A 233 9.96 -13.17 9.70
N ASP A 234 10.92 -13.57 8.87
CA ASP A 234 11.38 -12.78 7.74
C ASP A 234 11.18 -13.59 6.47
N GLY A 235 11.12 -12.90 5.34
CA GLY A 235 11.08 -13.57 4.05
C GLY A 235 10.27 -12.83 3.01
N ALA A 236 10.06 -13.52 1.90
CA ALA A 236 9.37 -12.95 0.76
C ALA A 236 8.80 -14.07 -0.08
N GLY A 237 7.55 -13.92 -0.50
CA GLY A 237 6.90 -14.85 -1.40
C GLY A 237 6.37 -14.07 -2.58
N MET A 238 6.38 -14.70 -3.75
CA MET A 238 5.99 -14.01 -4.98
C MET A 238 5.31 -14.97 -5.96
N MET A 239 4.29 -14.45 -6.64
CA MET A 239 3.53 -15.21 -7.64
C MET A 239 3.47 -14.45 -8.95
N VAL A 240 3.56 -15.18 -10.06
CA VAL A 240 3.23 -14.61 -11.36
C VAL A 240 1.80 -15.04 -11.70
N LEU A 241 0.88 -14.07 -11.68
CA LEU A 241 -0.50 -14.32 -12.01
C LEU A 241 -0.73 -13.98 -13.47
N GLU A 242 -1.62 -14.73 -14.11
CA GLU A 242 -1.82 -14.60 -15.55
C GLU A 242 -3.21 -15.01 -15.97
N GLU A 243 -3.70 -14.41 -17.04
CA GLU A 243 -5.02 -14.76 -17.56
C GLU A 243 -4.97 -16.11 -18.28
N TYR A 244 -5.99 -16.92 -18.07
CA TYR A 244 -6.00 -18.32 -18.50
C TYR A 244 -5.71 -18.52 -19.98
N GLU A 245 -6.39 -17.76 -20.84
CA GLU A 245 -6.17 -17.88 -22.29
C GLU A 245 -4.73 -17.50 -22.65
N HIS A 246 -4.22 -16.45 -22.02
CA HIS A 246 -2.86 -15.99 -22.29
C HIS A 246 -1.84 -17.03 -21.83
N ALA A 247 -2.17 -17.77 -20.78
CA ALA A 247 -1.27 -18.76 -20.21
C ALA A 247 -1.22 -20.04 -21.03
N LYS A 248 -2.37 -20.50 -21.50
CA LYS A 248 -2.43 -21.71 -22.32
C LYS A 248 -1.81 -21.47 -23.69
N LYS A 249 -2.14 -20.33 -24.30
CA LYS A 249 -1.68 -20.01 -25.65
C LYS A 249 -0.16 -20.04 -25.78
N ARG A 250 0.54 -19.77 -24.69
CA ARG A 250 2.00 -19.78 -24.68
C ARG A 250 2.58 -21.06 -24.07
N GLY A 251 1.70 -21.98 -23.67
CA GLY A 251 2.13 -23.25 -23.12
C GLY A 251 2.83 -23.09 -21.78
N ALA A 252 2.14 -22.47 -20.84
CA ALA A 252 2.72 -22.14 -19.54
C ALA A 252 2.56 -23.26 -18.52
N LYS A 253 3.45 -23.27 -17.55
CA LYS A 253 3.27 -24.07 -16.33
C LYS A 253 2.10 -23.52 -15.53
N ILE A 254 0.98 -24.23 -15.47
CA ILE A 254 -0.15 -23.76 -14.68
C ILE A 254 -0.25 -24.49 -13.33
N TYR A 255 0.05 -23.76 -12.25
CA TYR A 255 0.05 -24.30 -10.89
C TYR A 255 -1.35 -24.50 -10.33
N ALA A 256 -2.22 -23.52 -10.57
CA ALA A 256 -3.57 -23.51 -10.01
C ALA A 256 -4.35 -22.30 -10.50
N GLU A 257 -5.59 -22.19 -10.06
CA GLU A 257 -6.46 -21.08 -10.44
C GLU A 257 -6.78 -20.21 -9.21
N VAL A 258 -6.71 -18.89 -9.39
CA VAL A 258 -7.21 -17.95 -8.39
C VAL A 258 -8.68 -17.70 -8.68
N VAL A 259 -9.55 -18.15 -7.78
CA VAL A 259 -10.99 -18.19 -8.03
C VAL A 259 -11.80 -17.28 -7.12
N GLY A 260 -11.23 -16.91 -5.98
CA GLY A 260 -11.95 -16.11 -5.01
C GLY A 260 -11.07 -15.16 -4.22
N PHE A 261 -11.62 -13.99 -3.89
CA PHE A 261 -10.92 -12.99 -3.12
C PHE A 261 -11.91 -12.24 -2.26
N GLY A 262 -11.73 -12.32 -0.94
CA GLY A 262 -12.63 -11.70 0.01
C GLY A 262 -11.92 -10.72 0.92
N MET A 263 -12.59 -9.62 1.23
CA MET A 263 -12.02 -8.57 2.08
C MET A 263 -13.04 -8.14 3.14
N SER A 264 -12.54 -7.69 4.28
CA SER A 264 -13.39 -7.13 5.33
C SER A 264 -12.53 -6.43 6.38
N SER A 265 -13.18 -5.78 7.33
CA SER A 265 -12.47 -5.20 8.47
C SER A 265 -13.24 -5.42 9.78
N ASP A 266 -12.50 -5.53 10.87
CA ASP A 266 -13.09 -5.85 12.17
C ASP A 266 -13.88 -4.69 12.75
N ALA A 267 -13.37 -3.47 12.55
CA ALA A 267 -13.98 -2.27 13.12
C ALA A 267 -14.20 -2.46 14.62
N TYR A 268 -13.18 -2.96 15.30
CA TYR A 268 -13.29 -3.29 16.72
C TYR A 268 -12.11 -2.73 17.52
N HIS A 269 -10.92 -3.28 17.32
CA HIS A 269 -9.72 -2.81 18.02
C HIS A 269 -8.52 -2.76 17.07
N MET A 270 -7.50 -1.98 17.47
CA MET A 270 -6.33 -1.73 16.63
C MET A 270 -5.44 -2.96 16.43
N THR A 271 -5.31 -3.80 17.45
CA THR A 271 -4.43 -4.98 17.37
C THR A 271 -5.13 -6.29 17.75
N SER A 272 -6.00 -6.26 18.75
CA SER A 272 -6.68 -7.49 19.17
C SER A 272 -7.90 -7.75 18.30
N PRO A 273 -8.16 -9.01 17.97
CA PRO A 273 -9.36 -9.35 17.21
C PRO A 273 -10.56 -9.56 18.12
N PRO A 274 -11.79 -9.46 17.57
CA PRO A 274 -12.95 -9.79 18.41
C PRO A 274 -13.01 -11.31 18.64
N GLU A 275 -13.83 -11.78 19.59
CA GLU A 275 -13.88 -13.19 19.96
C GLU A 275 -14.60 -14.05 18.91
N ASP A 276 -15.71 -13.58 18.36
CA ASP A 276 -16.03 -13.90 16.98
C ASP A 276 -15.02 -13.00 16.27
N GLY A 277 -14.43 -13.34 15.12
CA GLY A 277 -14.90 -14.33 14.20
C GLY A 277 -15.54 -13.55 13.06
N SER A 278 -16.23 -12.47 13.42
CA SER A 278 -17.15 -11.79 12.50
C SER A 278 -16.43 -11.14 11.33
N GLY A 279 -15.28 -10.51 11.58
CA GLY A 279 -14.51 -9.88 10.53
C GLY A 279 -13.88 -10.96 9.66
N ALA A 280 -13.28 -11.96 10.31
CA ALA A 280 -12.66 -13.06 9.60
C ALA A 280 -13.72 -13.86 8.84
N ALA A 281 -14.89 -14.02 9.46
CA ALA A 281 -16.00 -14.74 8.85
C ALA A 281 -16.47 -14.04 7.57
N LEU A 282 -16.61 -12.72 7.64
CA LEU A 282 -17.04 -11.93 6.50
C LEU A 282 -16.12 -12.14 5.31
N ALA A 283 -14.81 -12.06 5.56
CA ALA A 283 -13.82 -12.18 4.49
C ALA A 283 -13.90 -13.56 3.83
N MET A 284 -14.08 -14.60 4.63
CA MET A 284 -14.18 -15.95 4.09
C MET A 284 -15.47 -16.12 3.29
N VAL A 285 -16.57 -15.59 3.83
CA VAL A 285 -17.85 -15.65 3.14
C VAL A 285 -17.80 -14.94 1.78
N ASN A 286 -17.17 -13.77 1.75
CA ASN A 286 -17.07 -13.00 0.52
C ASN A 286 -16.18 -13.67 -0.52
N ALA A 287 -15.11 -14.30 -0.05
CA ALA A 287 -14.23 -15.06 -0.93
C ALA A 287 -14.96 -16.27 -1.50
N LEU A 288 -15.83 -16.85 -0.67
CA LEU A 288 -16.68 -17.97 -1.09
C LEU A 288 -17.67 -17.52 -2.15
N ARG A 289 -18.34 -16.41 -1.90
CA ARG A 289 -19.31 -15.85 -2.84
C ARG A 289 -18.61 -15.54 -4.16
N ASP A 290 -17.42 -14.94 -4.06
CA ASP A 290 -16.63 -14.58 -5.24
C ASP A 290 -16.34 -15.81 -6.09
N ALA A 291 -16.19 -16.95 -5.43
CA ALA A 291 -15.89 -18.21 -6.09
C ALA A 291 -17.13 -18.88 -6.68
N GLY A 292 -18.32 -18.52 -6.18
CA GLY A 292 -19.55 -19.22 -6.54
C GLY A 292 -19.52 -20.65 -6.04
N ILE A 293 -19.26 -20.82 -4.75
CA ILE A 293 -18.86 -22.10 -4.17
C ILE A 293 -19.40 -22.27 -2.75
N THR A 294 -19.66 -23.51 -2.35
CA THR A 294 -20.23 -23.79 -1.03
C THR A 294 -19.14 -24.20 -0.05
N THR A 295 -19.48 -24.16 1.23
CA THR A 295 -18.53 -24.42 2.30
C THR A 295 -17.99 -25.85 2.24
N SER A 296 -18.78 -26.75 1.65
CA SER A 296 -18.43 -28.17 1.65
C SER A 296 -17.47 -28.54 0.52
N GLN A 297 -17.01 -27.55 -0.24
CA GLN A 297 -16.15 -27.82 -1.39
C GLN A 297 -14.69 -27.47 -1.10
N ILE A 298 -14.41 -26.95 0.09
CA ILE A 298 -13.06 -26.59 0.48
C ILE A 298 -12.44 -27.66 1.39
N GLY A 299 -11.28 -28.18 0.98
CA GLY A 299 -10.59 -29.23 1.71
C GLY A 299 -9.72 -28.75 2.86
N TYR A 300 -8.99 -27.67 2.64
CA TYR A 300 -7.95 -27.24 3.59
C TYR A 300 -7.97 -25.73 3.80
N ILE A 301 -7.74 -25.31 5.05
CA ILE A 301 -7.66 -23.90 5.39
C ILE A 301 -6.30 -23.57 5.97
N ASN A 302 -5.50 -22.84 5.21
CA ASN A 302 -4.26 -22.30 5.76
C ASN A 302 -4.63 -21.13 6.66
N ALA A 303 -4.76 -21.41 7.95
CA ALA A 303 -5.22 -20.42 8.91
C ALA A 303 -4.19 -19.34 9.12
N HIS A 304 -4.63 -18.22 9.68
CA HIS A 304 -3.73 -17.17 10.09
C HIS A 304 -2.87 -17.73 11.22
N GLY A 305 -3.53 -18.22 12.27
CA GLY A 305 -2.90 -19.00 13.32
C GLY A 305 -1.53 -18.52 13.79
N THR A 306 -1.52 -17.38 14.48
CA THR A 306 -0.26 -16.74 14.86
C THR A 306 0.27 -17.21 16.22
N SER A 307 -0.50 -18.06 16.92
CA SER A 307 -0.08 -18.52 18.24
C SER A 307 -0.40 -17.51 19.35
N THR A 308 -1.33 -16.59 19.09
CA THR A 308 -1.72 -15.59 20.08
C THR A 308 -2.98 -16.08 20.79
N PRO A 309 -3.10 -15.83 22.11
CA PRO A 309 -4.27 -16.23 22.89
C PRO A 309 -5.61 -15.85 22.26
N ALA A 310 -5.85 -14.55 22.11
CA ALA A 310 -7.11 -14.06 21.55
C ALA A 310 -7.27 -14.46 20.08
N GLY A 311 -6.21 -14.27 19.30
CA GLY A 311 -6.28 -14.45 17.87
C GLY A 311 -6.64 -15.85 17.43
N ASP A 312 -6.06 -16.84 18.08
CA ASP A 312 -6.30 -18.23 17.71
C ASP A 312 -7.75 -18.61 18.00
N LYS A 313 -8.25 -18.24 19.18
CA LYS A 313 -9.63 -18.55 19.53
C LYS A 313 -10.61 -17.86 18.59
N ALA A 314 -10.27 -16.65 18.17
CA ALA A 314 -11.13 -15.89 17.26
C ALA A 314 -11.26 -16.58 15.91
N GLU A 315 -10.15 -17.06 15.37
CA GLU A 315 -10.15 -17.67 14.04
C GLU A 315 -10.97 -18.96 14.03
N THR A 316 -10.82 -19.77 15.08
CA THR A 316 -11.58 -21.01 15.19
C THR A 316 -13.07 -20.73 15.17
N GLN A 317 -13.48 -19.78 16.01
CA GLN A 317 -14.88 -19.40 16.08
C GLN A 317 -15.37 -18.88 14.74
N ALA A 318 -14.48 -18.24 13.99
CA ALA A 318 -14.82 -17.73 12.67
C ALA A 318 -15.01 -18.85 11.68
N VAL A 319 -14.24 -19.92 11.84
CA VAL A 319 -14.36 -21.08 10.97
C VAL A 319 -15.63 -21.87 11.30
N LYS A 320 -15.99 -21.88 12.58
CA LYS A 320 -17.20 -22.55 13.02
C LYS A 320 -18.43 -21.93 12.37
N SER A 321 -18.55 -20.61 12.48
CA SER A 321 -19.74 -19.90 12.03
C SER A 321 -19.96 -20.02 10.53
N VAL A 322 -18.87 -20.12 9.77
CA VAL A 322 -18.95 -20.11 8.32
C VAL A 322 -19.21 -21.50 7.74
N PHE A 323 -18.47 -22.50 8.21
CA PHE A 323 -18.56 -23.84 7.63
C PHE A 323 -19.64 -24.70 8.31
N GLY A 324 -19.95 -24.38 9.56
CA GLY A 324 -21.03 -25.05 10.26
C GLY A 324 -20.76 -26.52 10.55
N GLU A 325 -21.38 -27.40 9.76
CA GLU A 325 -21.23 -28.83 9.95
C GLU A 325 -19.95 -29.36 9.31
N ASP A 326 -19.41 -28.60 8.36
CA ASP A 326 -18.19 -28.99 7.66
C ASP A 326 -16.94 -28.49 8.38
N ALA A 327 -17.15 -27.76 9.48
CA ALA A 327 -16.04 -27.24 10.27
C ALA A 327 -15.09 -28.35 10.69
N TYR A 328 -15.67 -29.49 11.08
CA TYR A 328 -14.90 -30.61 11.59
C TYR A 328 -14.43 -31.54 10.48
N LYS A 329 -15.08 -31.44 9.32
CA LYS A 329 -14.69 -32.22 8.14
C LYS A 329 -13.47 -31.57 7.47
N VAL A 330 -13.30 -30.28 7.73
CA VAL A 330 -12.24 -29.49 7.09
C VAL A 330 -10.98 -29.47 7.93
N MET A 331 -9.83 -29.54 7.25
CA MET A 331 -8.53 -29.54 7.91
C MET A 331 -7.96 -28.12 7.96
N VAL A 332 -7.49 -27.69 9.13
CA VAL A 332 -7.03 -26.31 9.33
C VAL A 332 -5.63 -26.22 9.94
N SER A 333 -4.63 -25.84 9.14
CA SER A 333 -3.26 -25.75 9.65
C SER A 333 -2.60 -24.41 9.38
N SER A 334 -1.76 -23.98 10.32
CA SER A 334 -0.92 -22.80 10.13
C SER A 334 0.54 -23.23 10.04
N THR A 335 1.20 -22.84 8.96
CA THR A 335 2.62 -23.14 8.78
C THR A 335 3.48 -22.17 9.58
N LYS A 336 2.84 -21.25 10.28
CA LYS A 336 3.57 -20.30 11.13
C LYS A 336 4.16 -21.00 12.35
N SER A 337 3.67 -22.21 12.60
CA SER A 337 4.26 -23.05 13.64
C SER A 337 5.75 -23.29 13.38
N MET A 338 6.14 -23.27 12.11
CA MET A 338 7.54 -23.50 11.71
C MET A 338 8.24 -22.23 11.23
N THR A 339 7.52 -21.38 10.52
CA THR A 339 8.10 -20.20 9.89
C THR A 339 8.08 -19.00 10.82
N GLY A 340 7.05 -18.93 11.65
CA GLY A 340 6.76 -17.73 12.41
C GLY A 340 5.91 -16.82 11.55
N HIS A 341 5.63 -15.65 12.08
CA HIS A 341 4.74 -14.69 11.45
C HIS A 341 5.55 -13.71 10.60
N LEU A 342 5.37 -13.77 9.28
CA LEU A 342 6.16 -12.94 8.35
C LEU A 342 5.47 -11.64 8.01
N LEU A 343 4.40 -11.29 8.71
CA LEU A 343 3.75 -10.03 8.44
C LEU A 343 3.25 -9.94 7.01
N GLY A 344 3.71 -8.91 6.30
CA GLY A 344 3.26 -8.65 4.94
C GLY A 344 3.66 -9.72 3.94
N ALA A 345 4.60 -10.58 4.32
CA ALA A 345 4.99 -11.72 3.48
C ALA A 345 4.25 -12.99 3.90
N ALA A 346 3.51 -12.92 5.00
CA ALA A 346 2.80 -14.08 5.53
C ALA A 346 1.76 -14.58 4.53
N GLY A 347 0.93 -13.67 4.05
CA GLY A 347 -0.12 -14.01 3.11
C GLY A 347 0.42 -14.49 1.78
N ALA A 348 1.62 -14.05 1.42
CA ALA A 348 2.23 -14.41 0.15
C ALA A 348 2.84 -15.80 0.22
N VAL A 349 3.67 -16.03 1.23
CA VAL A 349 4.38 -17.30 1.37
C VAL A 349 3.41 -18.45 1.62
N GLU A 350 2.33 -18.16 2.34
CA GLU A 350 1.35 -19.18 2.70
C GLU A 350 0.40 -19.50 1.55
N SER A 351 0.09 -18.49 0.73
CA SER A 351 -0.75 -18.72 -0.43
C SER A 351 -0.05 -19.68 -1.37
N ILE A 352 1.28 -19.64 -1.37
CA ILE A 352 2.07 -20.59 -2.13
C ILE A 352 1.90 -21.99 -1.55
N PHE A 353 1.91 -22.10 -0.22
CA PHE A 353 1.67 -23.37 0.44
C PHE A 353 0.29 -23.93 0.06
N THR A 354 -0.71 -23.07 0.00
CA THR A 354 -2.06 -23.49 -0.38
C THR A 354 -2.09 -23.96 -1.84
N VAL A 355 -1.27 -23.34 -2.67
CA VAL A 355 -1.20 -23.73 -4.08
C VAL A 355 -0.42 -25.04 -4.24
N LEU A 356 0.71 -25.15 -3.55
CA LEU A 356 1.51 -26.37 -3.59
C LEU A 356 0.73 -27.55 -3.02
N ALA A 357 -0.11 -27.27 -2.02
CA ALA A 357 -0.95 -28.30 -1.42
C ALA A 357 -1.86 -28.91 -2.47
N LEU A 358 -2.38 -28.08 -3.35
CA LEU A 358 -3.23 -28.56 -4.43
C LEU A 358 -2.43 -29.42 -5.40
N ARG A 359 -1.21 -28.97 -5.72
CA ARG A 359 -0.36 -29.67 -6.67
C ARG A 359 -0.01 -31.07 -6.18
N ASP A 360 0.42 -31.15 -4.92
CA ASP A 360 0.96 -32.39 -4.36
C ASP A 360 -0.06 -33.17 -3.54
N GLN A 361 -1.24 -32.58 -3.34
CA GLN A 361 -2.28 -33.18 -2.51
C GLN A 361 -1.71 -33.62 -1.16
N ALA A 362 -0.93 -32.73 -0.57
CA ALA A 362 -0.35 -32.96 0.76
C ALA A 362 -0.60 -31.74 1.61
N ILE A 363 -0.92 -31.94 2.88
CA ILE A 363 -1.25 -30.84 3.77
C ILE A 363 -0.25 -30.75 4.94
N PRO A 364 0.39 -29.59 5.10
CA PRO A 364 1.36 -29.41 6.20
C PRO A 364 0.69 -29.45 7.57
N ALA A 365 1.46 -29.87 8.57
CA ALA A 365 0.95 -29.97 9.94
C ALA A 365 1.22 -28.67 10.67
N THR A 366 0.60 -28.49 11.84
CA THR A 366 0.97 -27.38 12.73
C THR A 366 1.65 -27.94 13.97
N ILE A 367 2.97 -27.89 13.87
CA ILE A 367 3.90 -28.36 14.86
C ILE A 367 3.70 -27.70 16.22
N ASN A 368 4.21 -28.36 17.27
CA ASN A 368 4.11 -27.88 18.64
C ASN A 368 2.68 -27.89 19.18
N LEU A 369 1.79 -28.62 18.51
CA LEU A 369 0.44 -28.81 19.02
C LEU A 369 0.44 -29.99 19.98
N ASP A 370 0.91 -29.73 21.20
CA ASP A 370 0.99 -30.77 22.21
C ASP A 370 -0.34 -30.89 22.96
N ASN A 371 -1.01 -29.76 23.16
CA ASN A 371 -2.25 -29.72 23.93
C ASN A 371 -3.24 -28.68 23.40
N PRO A 372 -4.25 -29.10 22.61
CA PRO A 372 -5.29 -28.19 22.13
C PRO A 372 -5.95 -27.37 23.24
N ASP A 373 -6.31 -26.12 22.96
CA ASP A 373 -6.94 -25.26 23.96
C ASP A 373 -8.37 -25.70 24.23
N GLU A 374 -8.96 -25.16 25.30
CA GLU A 374 -10.29 -25.56 25.75
C GLU A 374 -11.35 -25.45 24.67
N GLY A 375 -11.48 -24.27 24.08
CA GLY A 375 -12.49 -24.03 23.05
C GLY A 375 -11.94 -24.27 21.65
N CYS A 376 -11.18 -25.35 21.52
CA CYS A 376 -10.60 -25.76 20.24
C CYS A 376 -10.98 -27.20 19.94
N ASP A 377 -11.74 -27.40 18.87
CA ASP A 377 -12.37 -28.68 18.59
C ASP A 377 -12.18 -29.08 17.14
N LEU A 378 -11.44 -28.25 16.40
CA LEU A 378 -11.26 -28.45 14.98
C LEU A 378 -10.03 -29.30 14.72
N ASP A 379 -9.99 -29.88 13.52
CA ASP A 379 -8.87 -30.71 13.12
C ASP A 379 -7.74 -29.84 12.64
N TYR A 380 -6.71 -29.70 13.47
CA TYR A 380 -5.63 -28.79 13.12
C TYR A 380 -4.46 -29.50 12.44
N VAL A 381 -4.58 -30.77 12.07
CA VAL A 381 -3.42 -31.48 11.54
C VAL A 381 -2.25 -31.40 12.53
N PRO A 382 -2.38 -32.06 13.69
CA PRO A 382 -1.61 -31.86 14.93
C PRO A 382 -0.08 -31.96 14.86
N HIS A 383 0.49 -32.99 14.24
CA HIS A 383 1.94 -33.20 14.36
C HIS A 383 2.64 -33.52 13.05
N ASP A 384 1.97 -34.24 12.16
CA ASP A 384 2.60 -34.75 10.96
C ASP A 384 1.85 -34.33 9.71
N ALA A 385 2.58 -34.12 8.61
CA ALA A 385 1.96 -33.77 7.35
C ALA A 385 1.05 -34.90 6.90
N ARG A 386 -0.18 -34.57 6.55
CA ARG A 386 -1.12 -35.55 6.04
C ARG A 386 -1.05 -35.61 4.53
N GLN A 387 -1.43 -36.76 3.97
CA GLN A 387 -1.51 -36.94 2.54
C GLN A 387 -2.99 -37.04 2.19
N VAL A 388 -3.42 -36.28 1.19
CA VAL A 388 -4.83 -36.26 0.79
C VAL A 388 -4.97 -36.39 -0.72
N LYS A 389 -6.19 -36.76 -1.11
CA LYS A 389 -6.62 -36.97 -2.49
C LYS A 389 -8.00 -36.32 -2.78
N ASP A 390 -8.18 -35.93 -4.03
CA ASP A 390 -9.39 -35.31 -4.57
C ASP A 390 -9.71 -33.87 -4.16
N MET A 391 -8.80 -33.21 -3.45
CA MET A 391 -9.01 -31.84 -3.01
C MET A 391 -8.96 -30.89 -4.20
N GLU A 392 -10.01 -30.10 -4.38
CA GLU A 392 -10.06 -29.16 -5.50
C GLU A 392 -10.01 -27.70 -5.08
N TYR A 393 -10.35 -27.40 -3.83
CA TYR A 393 -10.32 -26.01 -3.36
C TYR A 393 -9.58 -25.83 -2.05
N THR A 394 -8.82 -24.73 -1.99
CA THR A 394 -8.08 -24.33 -0.79
C THR A 394 -8.49 -22.92 -0.38
N LEU A 395 -8.37 -22.63 0.91
CA LEU A 395 -8.60 -21.29 1.44
C LEU A 395 -7.37 -20.83 2.20
N CYS A 396 -6.88 -19.63 1.87
CA CYS A 396 -5.77 -19.03 2.60
C CYS A 396 -6.23 -17.79 3.34
N ASN A 397 -6.04 -17.77 4.66
CA ASN A 397 -6.47 -16.65 5.49
C ASN A 397 -5.31 -15.80 6.02
N SER A 398 -5.57 -14.50 6.13
CA SER A 398 -4.65 -13.58 6.80
C SER A 398 -5.46 -12.47 7.48
N PHE A 399 -5.23 -12.30 8.77
CA PHE A 399 -5.98 -11.34 9.58
C PHE A 399 -5.00 -10.44 10.32
N GLY A 400 -4.78 -9.25 9.78
CA GLY A 400 -3.70 -8.39 10.24
C GLY A 400 -4.13 -7.22 11.11
N PHE A 401 -3.13 -6.50 11.61
CA PHE A 401 -3.35 -5.38 12.51
C PHE A 401 -4.09 -4.25 11.80
N GLY A 402 -4.87 -3.50 12.57
CA GLY A 402 -5.81 -2.55 12.00
C GLY A 402 -7.13 -3.23 11.72
N GLY A 403 -7.18 -4.54 12.02
CA GLY A 403 -8.38 -5.33 11.83
C GLY A 403 -8.74 -5.54 10.37
N THR A 404 -7.75 -5.46 9.48
CA THR A 404 -7.98 -5.69 8.06
C THR A 404 -7.83 -7.18 7.75
N ASN A 405 -8.86 -7.75 7.14
CA ASN A 405 -8.89 -9.18 6.85
C ASN A 405 -8.96 -9.47 5.37
N GLY A 406 -8.44 -10.63 4.98
CA GLY A 406 -8.46 -11.05 3.60
C GLY A 406 -8.39 -12.55 3.49
N SER A 407 -9.01 -13.09 2.44
CA SER A 407 -8.93 -14.52 2.16
C SER A 407 -8.97 -14.78 0.66
N LEU A 408 -8.12 -15.70 0.21
CA LEU A 408 -8.04 -16.10 -1.19
C LEU A 408 -8.51 -17.54 -1.35
N VAL A 409 -9.22 -17.81 -2.44
CA VAL A 409 -9.66 -19.15 -2.78
C VAL A 409 -8.93 -19.63 -4.02
N PHE A 410 -8.24 -20.76 -3.91
CA PHE A 410 -7.55 -21.35 -5.05
C PHE A 410 -8.22 -22.65 -5.46
N ARG A 411 -8.17 -22.93 -6.76
CA ARG A 411 -8.78 -24.12 -7.32
C ARG A 411 -7.77 -24.92 -8.12
N LYS A 412 -7.79 -26.22 -7.93
CA LYS A 412 -6.89 -27.13 -8.64
C LYS A 412 -7.31 -27.23 -10.10
N VAL A 413 -6.39 -26.90 -11.00
CA VAL A 413 -6.66 -27.00 -12.43
C VAL A 413 -5.35 -26.95 -13.23
N LYS B 3 -23.02 -1.92 -15.96
CA LYS B 3 -21.83 -1.39 -15.32
C LYS B 3 -22.20 -0.41 -14.20
N ARG B 4 -21.51 -0.54 -13.06
CA ARG B 4 -21.78 0.30 -11.90
C ARG B 4 -20.96 1.59 -11.93
N ARG B 5 -21.67 2.71 -11.99
CA ARG B 5 -21.03 4.02 -12.03
C ARG B 5 -20.68 4.50 -10.63
N VAL B 6 -19.56 5.18 -10.50
CA VAL B 6 -19.05 5.62 -9.20
C VAL B 6 -18.97 7.15 -9.14
N VAL B 7 -19.40 7.72 -8.01
CA VAL B 7 -19.43 9.17 -7.84
C VAL B 7 -18.80 9.64 -6.53
N VAL B 8 -18.48 10.93 -6.49
CA VAL B 8 -17.93 11.58 -5.30
C VAL B 8 -19.05 12.25 -4.52
N THR B 9 -19.28 11.80 -3.28
CA THR B 9 -20.38 12.33 -2.48
C THR B 9 -19.91 12.96 -1.17
N GLY B 10 -18.60 13.16 -1.03
CA GLY B 10 -18.06 13.76 0.18
C GLY B 10 -16.59 14.10 0.07
N LEU B 11 -16.23 15.30 0.52
CA LEU B 11 -14.85 15.77 0.47
C LEU B 11 -14.36 16.22 1.84
N GLY B 12 -13.07 16.04 2.07
CA GLY B 12 -12.42 16.53 3.28
C GLY B 12 -10.94 16.66 3.00
N MET B 13 -10.30 17.69 3.57
CA MET B 13 -8.86 17.84 3.39
C MET B 13 -8.21 18.81 4.36
N LEU B 14 -6.92 18.59 4.57
CA LEU B 14 -6.04 19.52 5.28
C LEU B 14 -4.88 19.81 4.35
N SER B 15 -4.57 21.09 4.16
CA SER B 15 -3.52 21.50 3.24
C SER B 15 -2.75 22.68 3.80
N PRO B 16 -1.61 23.03 3.18
CA PRO B 16 -0.84 24.18 3.67
C PRO B 16 -1.56 25.52 3.51
N VAL B 17 -2.61 25.58 2.71
CA VAL B 17 -3.37 26.82 2.52
C VAL B 17 -4.79 26.75 3.08
N GLY B 18 -5.06 25.75 3.92
CA GLY B 18 -6.39 25.64 4.52
C GLY B 18 -6.63 24.37 5.32
N ASN B 19 -7.45 24.50 6.36
CA ASN B 19 -7.79 23.38 7.23
C ASN B 19 -9.16 22.77 6.90
N THR B 20 -9.77 23.26 5.81
CA THR B 20 -11.00 22.68 5.30
C THR B 20 -10.97 22.69 3.78
N VAL B 21 -11.91 21.97 3.17
CA VAL B 21 -11.99 21.90 1.71
C VAL B 21 -12.16 23.27 1.10
N GLU B 22 -13.21 23.96 1.54
CA GLU B 22 -13.61 25.23 0.94
C GLU B 22 -12.57 26.32 1.14
N SER B 23 -11.97 26.36 2.34
CA SER B 23 -10.95 27.36 2.64
C SER B 23 -9.73 27.15 1.74
N THR B 24 -9.34 25.88 1.56
CA THR B 24 -8.22 25.55 0.69
C THR B 24 -8.53 25.91 -0.76
N TRP B 25 -9.76 25.65 -1.20
CA TRP B 25 -10.20 25.93 -2.55
C TRP B 25 -10.20 27.43 -2.83
N LYS B 26 -10.68 28.21 -1.87
CA LYS B 26 -10.63 29.67 -1.97
C LYS B 26 -9.19 30.13 -2.11
N ALA B 27 -8.34 29.65 -1.23
CA ALA B 27 -6.92 30.02 -1.23
C ALA B 27 -6.27 29.62 -2.54
N VAL B 28 -6.71 28.50 -3.10
CA VAL B 28 -6.16 27.99 -4.34
C VAL B 28 -6.51 28.90 -5.51
N LEU B 29 -7.76 29.35 -5.55
CA LEU B 29 -8.22 30.22 -6.64
C LEU B 29 -7.64 31.63 -6.52
N ALA B 30 -7.36 32.06 -5.30
CA ALA B 30 -6.79 33.39 -5.06
C ALA B 30 -5.27 33.37 -5.18
N GLY B 31 -4.69 32.18 -5.33
CA GLY B 31 -3.26 32.04 -5.54
C GLY B 31 -2.39 32.29 -4.32
N GLN B 32 -2.90 32.01 -3.13
CA GLN B 32 -2.14 32.24 -1.91
C GLN B 32 -1.20 31.05 -1.64
N SER B 33 0.04 31.36 -1.25
CA SER B 33 1.05 30.34 -0.99
C SER B 33 0.98 29.85 0.46
N GLY B 34 1.28 28.56 0.65
CA GLY B 34 1.27 27.95 1.97
C GLY B 34 2.67 27.63 2.44
N ILE B 35 3.66 28.07 1.65
CA ILE B 35 5.06 27.79 1.96
C ILE B 35 5.56 28.70 3.07
N SER B 36 6.10 28.09 4.13
CA SER B 36 6.65 28.83 5.26
C SER B 36 8.02 28.27 5.64
N LEU B 37 8.71 28.97 6.54
CA LEU B 37 9.96 28.47 7.09
C LEU B 37 9.67 27.46 8.20
N ILE B 38 10.42 26.37 8.20
CA ILE B 38 10.30 25.35 9.22
C ILE B 38 10.86 25.87 10.55
N ASP B 39 10.11 25.66 11.64
CA ASP B 39 10.52 26.09 12.97
C ASP B 39 10.30 25.09 14.11
N HIS B 40 9.91 23.85 13.80
CA HIS B 40 9.65 22.85 14.84
C HIS B 40 10.87 21.94 15.01
N PHE B 41 11.93 22.19 14.24
CA PHE B 41 13.22 21.58 14.51
C PHE B 41 14.34 22.42 13.90
N ASP B 42 15.53 22.34 14.49
CA ASP B 42 16.66 23.16 14.08
C ASP B 42 17.10 22.83 12.67
N THR B 43 16.95 23.80 11.76
CA THR B 43 17.25 23.60 10.36
C THR B 43 18.59 24.23 9.97
N SER B 44 19.47 24.38 10.95
CA SER B 44 20.75 25.06 10.74
C SER B 44 21.62 24.37 9.69
N ALA B 45 21.72 23.06 9.77
CA ALA B 45 22.62 22.30 8.91
C ALA B 45 21.99 21.88 7.59
N TYR B 46 20.69 22.14 7.45
CA TYR B 46 19.94 21.69 6.28
C TYR B 46 20.04 22.69 5.14
N ALA B 47 20.14 22.17 3.92
CA ALA B 47 20.21 23.03 2.74
C ALA B 47 18.84 23.62 2.41
N THR B 48 17.78 22.92 2.82
CA THR B 48 16.41 23.40 2.64
C THR B 48 15.77 23.59 4.02
N ARG B 49 15.20 24.77 4.25
CA ARG B 49 14.67 25.13 5.57
C ARG B 49 13.21 25.57 5.52
N PHE B 50 12.55 25.32 4.40
CA PHE B 50 11.14 25.68 4.25
C PHE B 50 10.32 24.50 3.73
N ALA B 51 9.00 24.59 3.92
CA ALA B 51 8.09 23.55 3.50
C ALA B 51 6.65 24.03 3.59
N GLY B 52 5.74 23.30 2.95
CA GLY B 52 4.32 23.58 3.07
C GLY B 52 3.75 22.91 4.31
N LEU B 53 3.50 23.69 5.34
CA LEU B 53 3.08 23.16 6.64
C LEU B 53 1.60 23.41 6.90
N VAL B 54 0.99 22.52 7.67
CA VAL B 54 -0.39 22.69 8.11
C VAL B 54 -0.43 23.55 9.37
N LYS B 55 -1.13 24.69 9.28
CA LYS B 55 -1.14 25.68 10.35
C LYS B 55 -2.41 25.61 11.21
N ASP B 56 -2.26 25.97 12.48
CA ASP B 56 -3.38 26.04 13.42
C ASP B 56 -4.19 24.76 13.45
N PHE B 57 -3.52 23.63 13.27
CA PHE B 57 -4.18 22.34 13.34
C PHE B 57 -4.26 21.86 14.79
N ASN B 58 -5.47 21.72 15.29
CA ASN B 58 -5.69 21.14 16.60
C ASN B 58 -6.43 19.81 16.44
N CYS B 59 -5.72 18.72 16.75
CA CYS B 59 -6.29 17.40 16.56
C CYS B 59 -7.31 17.08 17.65
N GLU B 60 -7.52 18.02 18.56
CA GLU B 60 -8.44 17.80 19.67
C GLU B 60 -9.86 18.20 19.29
N ASP B 61 -10.04 18.70 18.07
CA ASP B 61 -11.38 18.82 17.49
C ASP B 61 -11.84 17.45 17.01
N TYR B 62 -10.87 16.63 16.61
CA TYR B 62 -11.15 15.34 15.98
C TYR B 62 -10.83 14.16 16.89
N ILE B 63 -9.70 14.23 17.58
CA ILE B 63 -9.19 13.11 18.36
C ILE B 63 -8.77 13.55 19.76
N SER B 64 -9.19 12.84 20.79
CA SER B 64 -8.70 13.12 22.12
C SER B 64 -7.19 12.90 22.15
N ARG B 65 -6.48 13.68 22.96
CA ARG B 65 -5.02 13.63 22.97
C ARG B 65 -4.48 12.30 23.46
N LYS B 66 -5.24 11.62 24.30
CA LYS B 66 -4.84 10.30 24.77
C LYS B 66 -4.66 9.39 23.57
N ASP B 67 -5.55 9.52 22.61
CA ASP B 67 -5.49 8.75 21.38
C ASP B 67 -4.48 9.32 20.40
N ALA B 68 -4.40 10.65 20.32
CA ALA B 68 -3.54 11.31 19.34
C ALA B 68 -2.06 11.08 19.64
N ARG B 69 -1.77 10.58 20.84
CA ARG B 69 -0.41 10.21 21.20
C ARG B 69 -0.07 8.82 20.69
N LYS B 70 -1.09 8.07 20.28
CA LYS B 70 -0.93 6.74 19.73
C LYS B 70 -0.87 6.73 18.22
N MET B 71 -0.79 7.92 17.62
CA MET B 71 -0.79 8.03 16.16
C MET B 71 0.13 9.14 15.69
N ASP B 72 0.96 8.82 14.71
CA ASP B 72 1.86 9.78 14.09
C ASP B 72 1.05 10.90 13.46
N ALA B 73 1.69 12.05 13.26
CA ALA B 73 1.03 13.22 12.69
C ALA B 73 0.32 12.93 11.37
N PHE B 74 0.90 12.06 10.54
CA PHE B 74 0.32 11.77 9.23
C PHE B 74 -0.99 11.00 9.38
N ILE B 75 -1.12 10.25 10.48
CA ILE B 75 -2.38 9.55 10.77
C ILE B 75 -3.40 10.54 11.33
N GLN B 76 -2.92 11.50 12.11
CA GLN B 76 -3.79 12.53 12.67
C GLN B 76 -4.44 13.35 11.56
N TYR B 77 -3.64 13.74 10.57
CA TYR B 77 -4.15 14.45 9.41
C TYR B 77 -5.19 13.58 8.70
N GLY B 78 -4.81 12.33 8.45
CA GLY B 78 -5.65 11.41 7.70
C GLY B 78 -6.98 11.18 8.35
N VAL B 79 -6.97 10.93 9.66
CA VAL B 79 -8.20 10.74 10.42
C VAL B 79 -9.08 11.99 10.38
N ALA B 80 -8.48 13.15 10.60
CA ALA B 80 -9.21 14.42 10.57
C ALA B 80 -9.91 14.63 9.24
N ALA B 81 -9.17 14.47 8.14
CA ALA B 81 -9.71 14.65 6.80
C ALA B 81 -10.80 13.62 6.50
N GLY B 82 -10.63 12.42 7.03
CA GLY B 82 -11.64 11.38 6.86
C GLY B 82 -12.94 11.76 7.53
N MET B 83 -12.85 12.31 8.73
CA MET B 83 -14.04 12.73 9.47
C MET B 83 -14.76 13.85 8.75
N GLN B 84 -13.99 14.77 8.15
CA GLN B 84 -14.58 15.84 7.35
C GLN B 84 -15.45 15.26 6.24
N ALA B 85 -14.89 14.31 5.50
CA ALA B 85 -15.58 13.72 4.36
C ALA B 85 -16.82 12.95 4.79
N MET B 86 -16.77 12.31 5.95
CA MET B 86 -17.89 11.52 6.45
C MET B 86 -19.11 12.39 6.76
N GLN B 87 -18.89 13.50 7.45
CA GLN B 87 -19.98 14.44 7.75
C GLN B 87 -20.46 15.10 6.46
N ASP B 88 -19.53 15.37 5.56
CA ASP B 88 -19.86 15.97 4.28
C ASP B 88 -20.76 15.02 3.48
N ALA B 89 -20.49 13.72 3.61
CA ALA B 89 -21.27 12.69 2.92
C ALA B 89 -22.66 12.51 3.55
N GLY B 90 -22.72 12.48 4.87
CA GLY B 90 -23.98 12.32 5.59
C GLY B 90 -24.62 10.95 5.37
N LEU B 91 -23.81 9.90 5.45
CA LEU B 91 -24.30 8.51 5.34
C LEU B 91 -24.85 8.03 6.69
N ASP B 92 -25.88 7.18 6.66
CA ASP B 92 -26.32 6.48 7.86
C ASP B 92 -25.68 5.10 7.90
N ILE B 93 -24.92 4.82 8.96
CA ILE B 93 -24.30 3.51 9.10
C ILE B 93 -25.17 2.64 9.99
N THR B 94 -25.61 1.53 9.43
CA THR B 94 -26.52 0.61 10.09
C THR B 94 -25.85 -0.75 10.09
N GLU B 95 -26.45 -1.74 10.76
CA GLU B 95 -25.85 -3.06 10.78
C GLU B 95 -25.97 -3.71 9.41
N ALA B 96 -27.00 -3.32 8.67
CA ALA B 96 -27.24 -3.87 7.34
C ALA B 96 -26.36 -3.18 6.29
N ASN B 97 -25.74 -2.06 6.69
CA ASN B 97 -24.92 -1.26 5.79
C ASN B 97 -23.43 -1.58 5.93
N ALA B 98 -23.00 -1.72 7.18
CA ALA B 98 -21.59 -1.83 7.56
C ALA B 98 -20.73 -2.69 6.63
N SER B 99 -21.22 -3.88 6.33
CA SER B 99 -20.46 -4.82 5.49
C SER B 99 -20.17 -4.26 4.10
N ARG B 100 -20.91 -3.22 3.71
CA ARG B 100 -20.81 -2.66 2.37
C ARG B 100 -20.08 -1.32 2.34
N ILE B 101 -19.56 -0.87 3.48
CA ILE B 101 -18.77 0.35 3.55
C ILE B 101 -17.35 0.03 4.00
N GLY B 102 -16.37 0.51 3.25
CA GLY B 102 -14.97 0.26 3.55
C GLY B 102 -14.08 1.48 3.35
N ALA B 103 -12.79 1.23 3.18
CA ALA B 103 -11.81 2.31 3.10
C ALA B 103 -10.61 1.96 2.21
N ALA B 104 -10.04 2.99 1.60
CA ALA B 104 -8.84 2.85 0.78
C ALA B 104 -7.97 4.08 0.97
N ILE B 105 -7.19 4.09 2.04
CA ILE B 105 -6.39 5.25 2.39
C ILE B 105 -4.93 4.85 2.53
N GLY B 106 -4.05 5.62 1.90
CA GLY B 106 -2.64 5.29 1.87
C GLY B 106 -1.73 6.42 2.29
N SER B 107 -0.43 6.21 2.11
CA SER B 107 0.58 7.22 2.35
C SER B 107 1.90 6.73 1.76
N GLY B 108 2.75 7.68 1.38
CA GLY B 108 4.01 7.33 0.75
C GLY B 108 5.07 6.89 1.75
N ILE B 109 5.21 7.63 2.83
CA ILE B 109 6.32 7.43 3.77
C ILE B 109 5.85 7.01 5.15
N GLY B 110 4.69 7.52 5.57
CA GLY B 110 4.13 7.14 6.85
C GLY B 110 4.83 7.79 8.02
N GLY B 111 4.74 7.14 9.19
CA GLY B 111 5.14 7.75 10.44
C GLY B 111 6.63 7.89 10.66
N LEU B 112 7.30 8.67 9.82
CA LEU B 112 8.72 8.90 9.99
C LEU B 112 8.97 9.60 11.32
N GLY B 113 8.12 10.56 11.65
CA GLY B 113 8.27 11.34 12.87
C GLY B 113 8.32 10.50 14.12
N LEU B 114 7.36 9.59 14.26
CA LEU B 114 7.29 8.76 15.46
C LEU B 114 8.32 7.63 15.42
N ILE B 115 8.83 7.30 14.24
CA ILE B 115 9.91 6.33 14.13
C ILE B 115 11.20 6.94 14.65
N GLU B 116 11.43 8.21 14.31
CA GLU B 116 12.60 8.94 14.78
C GLU B 116 12.60 9.03 16.30
N GLU B 117 11.45 9.38 16.87
CA GLU B 117 11.31 9.48 18.32
C GLU B 117 11.72 8.19 19.00
N ASN B 118 11.08 7.10 18.60
CA ASN B 118 11.28 5.81 19.23
C ASN B 118 12.70 5.29 19.07
N HIS B 119 13.34 5.60 17.94
CA HIS B 119 14.71 5.17 17.72
C HIS B 119 15.66 5.86 18.68
N THR B 120 15.52 7.17 18.83
CA THR B 120 16.34 7.94 19.76
C THR B 120 16.15 7.40 21.18
N ALA B 121 14.90 7.14 21.55
CA ALA B 121 14.59 6.54 22.85
C ALA B 121 15.31 5.20 23.02
N LEU B 122 15.25 4.36 21.99
CA LEU B 122 15.91 3.07 22.00
C LEU B 122 17.41 3.23 22.22
N VAL B 123 18.01 4.12 21.44
CA VAL B 123 19.44 4.38 21.50
C VAL B 123 19.85 4.91 22.88
N ASN B 124 19.05 5.81 23.42
CA ASN B 124 19.35 6.41 24.73
C ASN B 124 19.04 5.50 25.91
N GLY B 125 17.93 4.77 25.84
CA GLY B 125 17.40 4.07 27.01
C GLY B 125 17.15 2.59 26.89
N GLY B 126 17.34 2.03 25.70
CA GLY B 126 17.07 0.61 25.48
C GLY B 126 15.67 0.36 24.97
N PRO B 127 15.36 -0.91 24.64
CA PRO B 127 14.10 -1.30 24.01
C PRO B 127 12.86 -1.09 24.87
N ARG B 128 13.06 -0.79 26.15
CA ARG B 128 11.96 -0.63 27.08
C ARG B 128 11.47 0.82 27.12
N LYS B 129 12.17 1.68 26.41
CA LYS B 129 11.77 3.07 26.24
C LYS B 129 11.06 3.26 24.90
N ILE B 130 10.81 2.15 24.21
CA ILE B 130 9.98 2.15 23.01
C ILE B 130 8.52 2.12 23.44
N SER B 131 7.70 2.97 22.81
CA SER B 131 6.28 3.00 23.12
C SER B 131 5.59 1.69 22.79
N PRO B 132 4.70 1.21 23.67
CA PRO B 132 3.96 -0.03 23.37
C PRO B 132 3.03 0.09 22.16
N PHE B 133 2.80 1.31 21.69
CA PHE B 133 1.96 1.54 20.52
C PHE B 133 2.78 1.94 19.30
N PHE B 134 4.06 1.59 19.33
CA PHE B 134 4.98 1.94 18.25
C PHE B 134 4.46 1.54 16.87
N VAL B 135 4.15 0.26 16.69
CA VAL B 135 3.75 -0.25 15.37
C VAL B 135 2.41 0.34 14.90
N PRO B 136 1.37 0.31 15.76
CA PRO B 136 0.10 0.88 15.31
C PRO B 136 0.11 2.39 15.07
N SER B 137 1.14 3.09 15.54
CA SER B 137 1.19 4.54 15.37
C SER B 137 1.90 4.95 14.08
N THR B 138 2.60 4.00 13.45
CA THR B 138 3.51 4.34 12.36
C THR B 138 3.20 3.72 10.99
N ILE B 139 2.64 2.51 10.95
CA ILE B 139 2.50 1.85 9.65
C ILE B 139 1.35 2.43 8.83
N VAL B 140 1.52 2.39 7.52
CA VAL B 140 0.70 3.14 6.57
C VAL B 140 -0.81 2.91 6.64
N ASN B 141 -1.24 1.68 6.92
CA ASN B 141 -2.67 1.37 6.82
C ASN B 141 -3.50 1.71 8.06
N MET B 142 -2.89 2.38 9.03
CA MET B 142 -3.56 2.58 10.31
C MET B 142 -4.57 3.74 10.28
N ILE B 143 -4.57 4.53 9.21
CA ILE B 143 -5.59 5.56 9.05
C ILE B 143 -6.94 4.89 8.82
N ALA B 144 -6.98 3.98 7.86
CA ALA B 144 -8.19 3.22 7.57
C ALA B 144 -8.56 2.40 8.80
N GLY B 145 -7.54 1.94 9.53
CA GLY B 145 -7.76 1.21 10.76
C GLY B 145 -8.54 2.03 11.76
N HIS B 146 -8.15 3.29 11.93
CA HIS B 146 -8.82 4.18 12.85
C HIS B 146 -10.23 4.54 12.36
N LEU B 147 -10.35 4.84 11.07
CA LEU B 147 -11.62 5.30 10.52
C LEU B 147 -12.68 4.21 10.44
N THR B 148 -12.28 2.99 10.08
CA THR B 148 -13.22 1.89 10.04
C THR B 148 -13.81 1.66 11.43
N ILE B 149 -12.94 1.63 12.44
CA ILE B 149 -13.36 1.41 13.82
C ILE B 149 -14.24 2.55 14.32
N MET B 150 -13.82 3.79 14.06
CA MET B 150 -14.59 4.98 14.46
C MET B 150 -16.04 4.93 13.99
N TYR B 151 -16.24 4.56 12.73
CA TYR B 151 -17.57 4.60 12.12
C TYR B 151 -18.19 3.21 11.95
N GLY B 152 -17.47 2.18 12.36
CA GLY B 152 -17.99 0.83 12.30
C GLY B 152 -18.11 0.32 10.87
N LEU B 153 -17.12 0.64 10.06
CA LEU B 153 -17.09 0.21 8.66
C LEU B 153 -16.45 -1.18 8.58
N ARG B 154 -17.20 -2.16 8.09
CA ARG B 154 -16.73 -3.55 8.08
C ARG B 154 -16.50 -4.07 6.68
N GLY B 155 -16.55 -3.18 5.69
CA GLY B 155 -16.29 -3.55 4.32
C GLY B 155 -14.80 -3.61 4.02
N PRO B 156 -14.44 -3.87 2.75
CA PRO B 156 -13.05 -3.99 2.31
C PRO B 156 -12.19 -2.83 2.78
N SER B 157 -10.99 -3.14 3.26
CA SER B 157 -10.09 -2.13 3.81
C SER B 157 -8.68 -2.33 3.29
N ILE B 158 -8.23 -1.44 2.40
CA ILE B 158 -6.85 -1.51 1.90
C ILE B 158 -6.12 -0.19 2.04
N SER B 159 -4.82 -0.24 1.78
CA SER B 159 -3.96 0.94 1.87
C SER B 159 -2.82 0.82 0.89
N ILE B 160 -2.94 1.53 -0.23
CA ILE B 160 -1.92 1.48 -1.27
C ILE B 160 -0.84 2.51 -0.97
N ALA B 161 0.41 2.06 -0.96
CA ALA B 161 1.56 2.92 -0.69
C ALA B 161 2.48 2.94 -1.89
N THR B 162 2.28 3.93 -2.77
CA THR B 162 3.08 4.04 -3.98
C THR B 162 3.69 5.43 -4.10
N ALA B 163 4.27 5.91 -3.01
CA ALA B 163 4.90 7.24 -2.98
C ALA B 163 3.94 8.34 -3.45
N CYS B 164 4.32 9.10 -4.46
CA CYS B 164 3.55 10.26 -4.90
C CYS B 164 2.24 9.88 -5.61
N THR B 165 2.07 8.59 -5.88
CA THR B 165 0.90 8.12 -6.62
C THR B 165 -0.15 7.51 -5.69
N SER B 166 0.11 7.55 -4.38
CA SER B 166 -0.76 6.92 -3.39
C SER B 166 -2.21 7.39 -3.48
N GLY B 167 -2.42 8.70 -3.39
CA GLY B 167 -3.75 9.27 -3.38
C GLY B 167 -4.57 8.88 -4.59
N VAL B 168 -3.96 8.96 -5.78
CA VAL B 168 -4.65 8.61 -7.01
C VAL B 168 -4.96 7.11 -7.08
N HIS B 169 -3.98 6.29 -6.72
CA HIS B 169 -4.15 4.84 -6.75
C HIS B 169 -5.24 4.37 -5.80
N ASN B 170 -5.26 4.99 -4.62
CA ASN B 170 -6.26 4.65 -3.61
C ASN B 170 -7.66 5.02 -4.04
N ILE B 171 -7.81 6.24 -4.56
CA ILE B 171 -9.09 6.69 -5.11
C ILE B 171 -9.53 5.77 -6.24
N GLY B 172 -8.60 5.48 -7.14
CA GLY B 172 -8.89 4.69 -8.32
C GLY B 172 -9.34 3.28 -8.00
N HIS B 173 -8.61 2.60 -7.12
CA HIS B 173 -8.93 1.22 -6.80
C HIS B 173 -10.13 1.12 -5.87
N ALA B 174 -10.42 2.20 -5.15
CA ALA B 174 -11.65 2.26 -4.37
C ALA B 174 -12.83 2.20 -5.33
N ALA B 175 -12.71 2.89 -6.45
CA ALA B 175 -13.75 2.89 -7.47
C ALA B 175 -13.90 1.51 -8.09
N ARG B 176 -12.77 0.84 -8.32
CA ARG B 176 -12.77 -0.52 -8.86
C ARG B 176 -13.49 -1.47 -7.92
N ILE B 177 -13.22 -1.33 -6.62
CA ILE B 177 -13.85 -2.15 -5.61
C ILE B 177 -15.36 -1.94 -5.63
N ILE B 178 -15.79 -0.68 -5.69
CA ILE B 178 -17.21 -0.36 -5.80
C ILE B 178 -17.82 -0.86 -7.11
N ALA B 179 -17.08 -0.67 -8.20
CA ALA B 179 -17.54 -1.08 -9.53
C ALA B 179 -17.63 -2.60 -9.64
N TYR B 180 -16.93 -3.29 -8.75
CA TYR B 180 -16.90 -4.75 -8.76
C TYR B 180 -18.02 -5.33 -7.90
N ASN B 181 -18.69 -4.47 -7.14
CA ASN B 181 -19.80 -4.85 -6.27
C ASN B 181 -19.32 -5.40 -4.92
N ASP B 182 -18.05 -5.17 -4.60
CA ASP B 182 -17.48 -5.55 -3.31
C ASP B 182 -17.81 -4.52 -2.22
N ALA B 183 -18.15 -3.31 -2.65
CA ALA B 183 -18.51 -2.23 -1.75
C ALA B 183 -19.57 -1.36 -2.41
N ASP B 184 -20.31 -0.62 -1.59
CA ASP B 184 -21.22 0.41 -2.08
C ASP B 184 -20.66 1.79 -1.74
N VAL B 185 -19.90 1.86 -0.66
CA VAL B 185 -19.29 3.10 -0.20
C VAL B 185 -17.82 2.89 0.19
N MET B 186 -16.97 3.82 -0.21
CA MET B 186 -15.55 3.79 0.12
C MET B 186 -15.05 5.16 0.54
N VAL B 187 -14.26 5.20 1.60
CA VAL B 187 -13.47 6.38 1.95
C VAL B 187 -12.10 6.20 1.35
N ALA B 188 -11.66 7.15 0.54
CA ALA B 188 -10.40 7.02 -0.18
C ALA B 188 -9.58 8.28 -0.14
N GLY B 189 -8.27 8.12 -0.22
CA GLY B 189 -7.37 9.26 -0.22
C GLY B 189 -5.98 8.93 0.27
N GLY B 190 -5.26 9.96 0.68
CA GLY B 190 -3.92 9.81 1.20
C GLY B 190 -3.56 10.95 2.13
N ALA B 191 -2.56 10.72 2.97
CA ALA B 191 -2.11 11.72 3.93
C ALA B 191 -0.60 11.64 4.04
N GLU B 192 0.05 12.75 4.35
CA GLU B 192 1.50 12.75 4.47
C GLU B 192 2.02 13.85 5.38
N LYS B 193 3.08 13.53 6.11
CA LYS B 193 3.87 14.54 6.80
C LYS B 193 5.33 14.11 6.82
N ALA B 194 6.03 14.42 5.72
CA ALA B 194 7.43 14.06 5.58
C ALA B 194 8.34 15.26 5.85
N SER B 195 7.78 16.33 6.42
CA SER B 195 8.57 17.48 6.83
C SER B 195 9.16 17.24 8.21
N THR B 196 10.01 16.23 8.29
CA THR B 196 10.73 15.88 9.50
C THR B 196 12.21 15.98 9.20
N PRO B 197 13.06 15.96 10.25
CA PRO B 197 14.52 16.01 10.02
C PRO B 197 15.00 15.00 8.99
N LEU B 198 14.54 13.76 9.10
CA LEU B 198 14.97 12.70 8.18
C LEU B 198 14.31 12.86 6.82
N GLY B 199 13.08 13.33 6.79
CA GLY B 199 12.37 13.54 5.54
C GLY B 199 12.99 14.64 4.71
N VAL B 200 13.22 15.78 5.34
CA VAL B 200 13.84 16.91 4.66
C VAL B 200 15.30 16.57 4.34
N GLY B 201 15.97 15.95 5.29
CA GLY B 201 17.35 15.53 5.10
C GLY B 201 17.50 14.51 3.99
N GLY B 202 16.59 13.53 3.97
CA GLY B 202 16.65 12.47 2.99
C GLY B 202 16.50 12.97 1.57
N PHE B 203 15.47 13.78 1.34
CA PHE B 203 15.23 14.34 0.02
C PHE B 203 16.30 15.36 -0.34
N GLY B 204 16.84 16.02 0.68
CA GLY B 204 17.93 16.96 0.50
C GLY B 204 19.20 16.26 0.05
N ALA B 205 19.50 15.11 0.65
CA ALA B 205 20.68 14.35 0.31
C ALA B 205 20.63 13.86 -1.14
N ALA B 206 19.41 13.69 -1.66
CA ALA B 206 19.20 13.30 -3.05
C ALA B 206 19.16 14.52 -3.96
N ARG B 207 19.29 15.71 -3.36
CA ARG B 207 19.29 16.97 -4.10
C ARG B 207 18.03 17.15 -4.93
N ALA B 208 16.91 16.62 -4.43
CA ALA B 208 15.63 16.73 -5.13
C ALA B 208 14.86 17.95 -4.65
N LEU B 209 15.38 18.62 -3.63
CA LEU B 209 14.69 19.74 -3.00
C LEU B 209 15.17 21.09 -3.54
N SER B 210 14.25 22.06 -3.54
CA SER B 210 14.59 23.43 -3.88
C SER B 210 15.41 24.06 -2.76
N THR B 211 16.26 25.03 -3.13
CA THR B 211 17.18 25.64 -2.18
C THR B 211 16.99 27.15 -2.13
N ARG B 212 15.86 27.63 -2.65
CA ARG B 212 15.58 29.05 -2.65
C ARG B 212 15.06 29.49 -1.28
N ASN B 213 15.94 29.45 -0.28
CA ASN B 213 15.57 29.82 1.08
C ASN B 213 15.29 31.32 1.24
N ASP B 214 15.77 32.12 0.29
CA ASP B 214 15.65 33.57 0.38
C ASP B 214 14.27 34.07 -0.02
N ASN B 215 13.58 33.31 -0.85
CA ASN B 215 12.19 33.58 -1.20
C ASN B 215 11.40 32.28 -1.27
N PRO B 216 10.96 31.79 -0.10
CA PRO B 216 10.30 30.48 0.01
C PRO B 216 9.05 30.32 -0.87
N GLN B 217 8.20 31.33 -0.89
CA GLN B 217 6.92 31.21 -1.61
C GLN B 217 7.10 31.29 -3.11
N ALA B 218 8.31 31.59 -3.56
CA ALA B 218 8.63 31.62 -4.99
C ALA B 218 9.47 30.40 -5.38
N ALA B 219 9.83 29.57 -4.40
CA ALA B 219 10.67 28.40 -4.63
C ALA B 219 9.98 27.40 -5.56
N SER B 220 8.71 27.13 -5.29
CA SER B 220 7.94 26.23 -6.13
C SER B 220 7.49 26.98 -7.38
N ARG B 221 8.20 26.72 -8.49
CA ARG B 221 7.91 27.41 -9.75
C ARG B 221 7.94 26.44 -10.92
N PRO B 222 6.89 25.62 -11.05
CA PRO B 222 6.84 24.60 -12.11
C PRO B 222 6.87 25.20 -13.51
N TRP B 223 7.71 24.62 -14.37
CA TRP B 223 7.87 25.02 -15.77
C TRP B 223 8.53 26.40 -15.93
N ASP B 224 8.96 26.99 -14.82
CA ASP B 224 9.72 28.22 -14.88
C ASP B 224 11.17 27.89 -15.25
N LYS B 225 11.95 28.89 -15.62
CA LYS B 225 13.32 28.65 -16.05
C LYS B 225 14.24 28.33 -14.86
N ASP B 226 13.92 28.89 -13.70
CA ASP B 226 14.81 28.80 -12.53
C ASP B 226 14.33 27.85 -11.46
N ARG B 227 13.56 26.83 -11.84
CA ARG B 227 13.20 25.78 -10.88
C ARG B 227 14.46 25.00 -10.49
N ASP B 228 14.53 24.60 -9.23
CA ASP B 228 15.69 23.87 -8.72
C ASP B 228 15.29 22.71 -7.81
N GLY B 229 14.10 22.16 -8.04
CA GLY B 229 13.60 21.03 -7.27
C GLY B 229 12.24 21.29 -6.67
N PHE B 230 11.59 20.24 -6.18
CA PHE B 230 10.24 20.39 -5.63
C PHE B 230 10.26 20.84 -4.19
N VAL B 231 9.14 21.37 -3.73
CA VAL B 231 8.99 21.89 -2.38
C VAL B 231 8.15 20.92 -1.56
N LEU B 232 8.64 20.58 -0.38
CA LEU B 232 7.99 19.58 0.45
C LEU B 232 6.74 20.15 1.11
N GLY B 233 5.68 19.35 1.16
CA GLY B 233 4.42 19.78 1.74
C GLY B 233 3.77 18.69 2.58
N ASP B 234 2.96 19.11 3.54
CA ASP B 234 2.23 18.20 4.41
C ASP B 234 0.73 18.33 4.15
N GLY B 235 -0.04 17.33 4.55
CA GLY B 235 -1.48 17.42 4.46
C GLY B 235 -2.18 16.09 4.29
N ALA B 236 -3.47 16.17 3.95
CA ALA B 236 -4.29 14.98 3.79
C ALA B 236 -5.51 15.33 2.96
N GLY B 237 -5.88 14.43 2.05
CA GLY B 237 -7.06 14.59 1.22
C GLY B 237 -7.89 13.34 1.26
N MET B 238 -9.21 13.50 1.34
CA MET B 238 -10.11 12.36 1.50
C MET B 238 -11.39 12.52 0.72
N MET B 239 -11.78 11.44 0.03
CA MET B 239 -13.01 11.39 -0.75
C MET B 239 -13.92 10.28 -0.23
N VAL B 240 -15.23 10.52 -0.27
CA VAL B 240 -16.19 9.43 -0.10
C VAL B 240 -16.74 9.06 -1.47
N LEU B 241 -16.39 7.87 -1.92
CA LEU B 241 -16.85 7.36 -3.21
C LEU B 241 -18.05 6.47 -2.99
N GLU B 242 -18.97 6.46 -3.94
CA GLU B 242 -20.24 5.76 -3.74
C GLU B 242 -20.81 5.24 -5.06
N GLU B 243 -21.48 4.10 -5.01
CA GLU B 243 -22.20 3.61 -6.17
C GLU B 243 -23.35 4.55 -6.42
N TYR B 244 -23.56 4.81 -7.69
CA TYR B 244 -24.34 5.93 -8.11
C TYR B 244 -25.83 5.88 -7.74
N GLU B 245 -26.46 4.77 -7.96
CA GLU B 245 -27.84 4.60 -7.59
C GLU B 245 -28.02 4.64 -6.11
N HIS B 246 -27.07 4.11 -5.38
CA HIS B 246 -27.10 4.07 -3.93
C HIS B 246 -27.09 5.48 -3.34
N ALA B 247 -26.35 6.39 -3.99
CA ALA B 247 -26.24 7.77 -3.54
C ALA B 247 -27.52 8.54 -3.81
N LYS B 248 -28.12 8.33 -4.95
CA LYS B 248 -29.32 9.01 -5.30
C LYS B 248 -30.50 8.52 -4.50
N LYS B 249 -30.57 7.23 -4.25
CA LYS B 249 -31.67 6.67 -3.49
C LYS B 249 -31.75 7.27 -2.09
N ARG B 250 -30.61 7.69 -1.55
CA ARG B 250 -30.57 8.34 -0.24
C ARG B 250 -30.49 9.86 -0.38
N GLY B 251 -30.28 10.35 -1.60
CA GLY B 251 -30.31 11.77 -1.88
C GLY B 251 -29.11 12.53 -1.37
N ALA B 252 -27.91 12.13 -1.83
CA ALA B 252 -26.67 12.77 -1.42
C ALA B 252 -26.27 13.89 -2.37
N LYS B 253 -25.45 14.82 -1.86
CA LYS B 253 -24.86 15.85 -2.71
C LYS B 253 -23.75 15.23 -3.54
N ILE B 254 -23.89 15.33 -4.86
CA ILE B 254 -23.04 14.59 -5.78
C ILE B 254 -22.08 15.55 -6.51
N TYR B 255 -20.81 15.49 -6.11
CA TYR B 255 -19.79 16.42 -6.58
C TYR B 255 -19.36 16.17 -8.03
N ALA B 256 -19.15 14.90 -8.36
CA ALA B 256 -18.65 14.52 -9.68
C ALA B 256 -18.67 13.01 -9.84
N GLU B 257 -18.29 12.53 -11.03
CA GLU B 257 -18.27 11.11 -11.33
C GLU B 257 -16.86 10.64 -11.65
N VAL B 258 -16.46 9.52 -11.06
CA VAL B 258 -15.19 8.88 -11.41
C VAL B 258 -15.41 7.95 -12.59
N VAL B 259 -14.91 8.35 -13.75
CA VAL B 259 -15.23 7.71 -15.02
C VAL B 259 -14.06 6.92 -15.59
N GLY B 260 -12.84 7.29 -15.21
CA GLY B 260 -11.65 6.66 -15.74
C GLY B 260 -10.50 6.55 -14.76
N PHE B 261 -9.81 5.42 -14.82
CA PHE B 261 -8.64 5.17 -13.99
C PHE B 261 -7.61 4.38 -14.79
N GLY B 262 -6.45 4.98 -15.03
CA GLY B 262 -5.39 4.38 -15.82
C GLY B 262 -4.07 4.31 -15.09
N MET B 263 -3.31 3.25 -15.34
CA MET B 263 -2.06 2.99 -14.62
C MET B 263 -0.95 2.55 -15.56
N SER B 264 0.29 2.81 -15.15
CA SER B 264 1.45 2.37 -15.92
C SER B 264 2.71 2.49 -15.07
N SER B 265 3.83 1.97 -15.60
CA SER B 265 5.13 2.16 -14.97
C SER B 265 6.18 2.55 -16.02
N ASP B 266 7.20 3.27 -15.58
CA ASP B 266 8.22 3.80 -16.50
C ASP B 266 9.19 2.71 -16.94
N ALA B 267 9.57 1.83 -16.02
CA ALA B 267 10.59 0.81 -16.29
C ALA B 267 11.84 1.47 -16.85
N TYR B 268 12.33 2.48 -16.14
CA TYR B 268 13.42 3.30 -16.62
C TYR B 268 14.46 3.56 -15.54
N HIS B 269 14.14 4.47 -14.62
CA HIS B 269 15.03 4.82 -13.51
C HIS B 269 14.19 4.92 -12.24
N MET B 270 14.80 4.68 -11.08
CA MET B 270 14.03 4.63 -9.83
C MET B 270 13.49 6.01 -9.43
N THR B 271 14.22 7.09 -9.76
CA THR B 271 13.85 8.43 -9.31
C THR B 271 13.52 9.40 -10.44
N SER B 272 14.34 9.41 -11.50
CA SER B 272 14.12 10.34 -12.60
C SER B 272 13.20 9.73 -13.67
N PRO B 273 12.39 10.58 -14.33
CA PRO B 273 11.50 10.12 -15.40
C PRO B 273 12.18 10.13 -16.78
N PRO B 274 11.58 9.48 -17.77
CA PRO B 274 12.14 9.50 -19.13
C PRO B 274 11.84 10.81 -19.85
N GLU B 275 12.80 11.28 -20.66
CA GLU B 275 12.63 12.52 -21.43
C GLU B 275 11.35 12.47 -22.26
N ASP B 276 11.14 11.33 -22.91
CA ASP B 276 9.95 11.09 -23.71
C ASP B 276 8.66 11.19 -22.91
N GLY B 277 8.65 10.61 -21.71
CA GLY B 277 7.47 10.59 -20.87
C GLY B 277 6.51 9.48 -21.25
N SER B 278 7.06 8.41 -21.81
CA SER B 278 6.26 7.28 -22.31
C SER B 278 5.34 6.69 -21.24
N GLY B 279 5.86 6.55 -20.03
CA GLY B 279 5.10 5.95 -18.95
C GLY B 279 3.95 6.82 -18.49
N ALA B 280 4.21 8.13 -18.37
CA ALA B 280 3.16 9.08 -18.01
C ALA B 280 2.08 9.10 -19.08
N ALA B 281 2.51 9.13 -20.34
CA ALA B 281 1.59 9.12 -21.47
C ALA B 281 0.73 7.86 -21.46
N LEU B 282 1.37 6.71 -21.23
CA LEU B 282 0.68 5.43 -21.17
C LEU B 282 -0.48 5.44 -20.17
N ALA B 283 -0.24 6.04 -19.02
CA ALA B 283 -1.24 6.08 -17.95
C ALA B 283 -2.47 6.88 -18.34
N MET B 284 -2.26 8.01 -19.02
CA MET B 284 -3.37 8.86 -19.45
C MET B 284 -4.18 8.21 -20.57
N VAL B 285 -3.49 7.60 -21.52
CA VAL B 285 -4.16 6.87 -22.59
C VAL B 285 -5.08 5.81 -21.99
N ASN B 286 -4.58 5.11 -20.98
CA ASN B 286 -5.36 4.09 -20.30
C ASN B 286 -6.55 4.66 -19.54
N ALA B 287 -6.34 5.79 -18.87
CA ALA B 287 -7.43 6.43 -18.13
C ALA B 287 -8.52 6.86 -19.10
N LEU B 288 -8.09 7.37 -20.25
CA LEU B 288 -9.01 7.82 -21.30
C LEU B 288 -9.80 6.66 -21.91
N ARG B 289 -9.12 5.55 -22.20
CA ARG B 289 -9.79 4.37 -22.73
C ARG B 289 -10.84 3.87 -21.74
N ASP B 290 -10.49 3.87 -20.46
CA ASP B 290 -11.39 3.44 -19.39
C ASP B 290 -12.64 4.32 -19.34
N ALA B 291 -12.48 5.58 -19.75
CA ALA B 291 -13.57 6.55 -19.73
C ALA B 291 -14.42 6.49 -20.99
N GLY B 292 -13.90 5.85 -22.04
CA GLY B 292 -14.56 5.80 -23.33
C GLY B 292 -14.63 7.16 -23.99
N ILE B 293 -13.53 7.91 -23.91
CA ILE B 293 -13.51 9.34 -24.22
C ILE B 293 -12.28 9.73 -25.03
N THR B 294 -12.41 10.81 -25.80
CA THR B 294 -11.34 11.27 -26.68
C THR B 294 -10.57 12.40 -26.04
N THR B 295 -9.41 12.71 -26.61
CA THR B 295 -8.52 13.71 -26.04
C THR B 295 -9.15 15.11 -26.08
N SER B 296 -10.06 15.32 -27.02
CA SER B 296 -10.62 16.66 -27.25
C SER B 296 -11.81 17.00 -26.35
N GLN B 297 -12.15 16.10 -25.42
CA GLN B 297 -13.28 16.32 -24.53
C GLN B 297 -12.82 16.80 -23.15
N ILE B 298 -11.51 16.75 -22.94
CA ILE B 298 -10.89 17.17 -21.69
C ILE B 298 -10.62 18.68 -21.68
N GLY B 299 -11.17 19.37 -20.69
CA GLY B 299 -10.94 20.80 -20.53
C GLY B 299 -9.65 21.13 -19.80
N TYR B 300 -9.41 20.46 -18.68
CA TYR B 300 -8.31 20.81 -17.78
C TYR B 300 -7.54 19.60 -17.27
N ILE B 301 -6.23 19.76 -17.19
CA ILE B 301 -5.33 18.73 -16.66
C ILE B 301 -4.62 19.22 -15.41
N ASN B 302 -4.96 18.66 -14.25
CA ASN B 302 -4.15 18.92 -13.07
C ASN B 302 -2.88 18.09 -13.16
N ALA B 303 -1.81 18.73 -13.60
CA ALA B 303 -0.56 18.05 -13.87
C ALA B 303 0.13 17.62 -12.57
N HIS B 304 1.13 16.76 -12.71
CA HIS B 304 1.98 16.40 -11.59
C HIS B 304 2.77 17.65 -11.19
N GLY B 305 3.39 18.28 -12.18
CA GLY B 305 3.99 19.60 -12.04
C GLY B 305 4.75 19.87 -10.76
N THR B 306 5.83 19.13 -10.56
CA THR B 306 6.56 19.16 -9.29
C THR B 306 7.65 20.23 -9.21
N SER B 307 7.88 20.94 -10.31
CA SER B 307 8.91 21.97 -10.37
C SER B 307 10.30 21.35 -10.27
N THR B 308 10.45 20.17 -10.88
CA THR B 308 11.76 19.56 -11.05
C THR B 308 12.20 19.71 -12.50
N PRO B 309 13.50 19.93 -12.73
CA PRO B 309 14.03 20.10 -14.09
C PRO B 309 13.58 19.00 -15.07
N ALA B 310 13.99 17.77 -14.82
CA ALA B 310 13.67 16.66 -15.70
C ALA B 310 12.17 16.35 -15.73
N GLY B 311 11.54 16.40 -14.56
CA GLY B 311 10.16 15.97 -14.40
C GLY B 311 9.14 16.81 -15.16
N ASP B 312 9.26 18.13 -15.06
CA ASP B 312 8.31 19.03 -15.69
C ASP B 312 8.37 18.93 -17.20
N LYS B 313 9.56 18.72 -17.74
CA LYS B 313 9.73 18.56 -19.17
C LYS B 313 9.07 17.27 -19.65
N ALA B 314 9.26 16.20 -18.88
CA ALA B 314 8.73 14.89 -19.25
C ALA B 314 7.22 14.91 -19.38
N GLU B 315 6.55 15.56 -18.43
CA GLU B 315 5.09 15.57 -18.40
C GLU B 315 4.50 16.32 -19.60
N THR B 316 5.08 17.46 -19.94
CA THR B 316 4.61 18.23 -21.10
C THR B 316 4.75 17.39 -22.36
N GLN B 317 5.93 16.82 -22.55
CA GLN B 317 6.21 15.96 -23.69
C GLN B 317 5.24 14.78 -23.74
N ALA B 318 4.76 14.36 -22.58
CA ALA B 318 3.80 13.27 -22.50
C ALA B 318 2.40 13.77 -22.84
N VAL B 319 2.09 15.01 -22.45
CA VAL B 319 0.79 15.60 -22.74
C VAL B 319 0.64 15.85 -24.24
N LYS B 320 1.71 16.34 -24.86
CA LYS B 320 1.74 16.58 -26.29
C LYS B 320 1.59 15.26 -27.06
N SER B 321 2.23 14.22 -26.54
CA SER B 321 2.20 12.90 -27.19
C SER B 321 0.79 12.33 -27.19
N VAL B 322 0.07 12.50 -26.09
CA VAL B 322 -1.25 11.91 -25.94
C VAL B 322 -2.32 12.72 -26.66
N PHE B 323 -2.33 14.02 -26.43
CA PHE B 323 -3.37 14.89 -26.98
C PHE B 323 -3.06 15.36 -28.39
N GLY B 324 -1.83 15.14 -28.84
CA GLY B 324 -1.40 15.63 -30.13
C GLY B 324 -1.32 17.14 -30.09
N GLU B 325 -2.27 17.82 -30.72
CA GLU B 325 -2.33 19.28 -30.65
C GLU B 325 -3.71 19.78 -30.23
N ASP B 326 -4.39 18.97 -29.42
CA ASP B 326 -5.43 19.48 -28.54
C ASP B 326 -4.71 20.05 -27.33
N ALA B 327 -3.41 19.76 -27.25
CA ALA B 327 -2.54 20.19 -26.17
C ALA B 327 -2.63 21.68 -25.85
N TYR B 328 -2.50 22.53 -26.86
CA TYR B 328 -2.49 23.97 -26.63
C TYR B 328 -3.89 24.51 -26.36
N LYS B 329 -4.91 23.76 -26.77
CA LYS B 329 -6.28 24.14 -26.49
C LYS B 329 -6.66 23.78 -25.06
N VAL B 330 -5.94 22.82 -24.48
CA VAL B 330 -6.22 22.32 -23.15
C VAL B 330 -5.35 23.02 -22.11
N MET B 331 -5.94 23.32 -20.96
CA MET B 331 -5.25 24.05 -19.89
C MET B 331 -4.64 23.09 -18.87
N VAL B 332 -3.36 23.29 -18.57
CA VAL B 332 -2.59 22.38 -17.73
C VAL B 332 -1.93 23.07 -16.54
N SER B 333 -2.49 22.94 -15.35
CA SER B 333 -1.93 23.64 -14.18
C SER B 333 -1.59 22.69 -13.04
N SER B 334 -0.49 23.01 -12.37
CA SER B 334 -0.09 22.34 -11.15
C SER B 334 -0.31 23.26 -9.95
N THR B 335 -1.13 22.81 -9.01
CA THR B 335 -1.40 23.57 -7.80
C THR B 335 -0.25 23.44 -6.81
N LYS B 336 0.76 22.64 -7.18
CA LYS B 336 1.93 22.46 -6.33
C LYS B 336 2.76 23.72 -6.22
N SER B 337 2.49 24.69 -7.09
CA SER B 337 3.15 26.00 -7.02
C SER B 337 2.78 26.70 -5.71
N MET B 338 1.65 26.29 -5.14
CA MET B 338 1.11 26.91 -3.94
C MET B 338 1.27 26.03 -2.71
N THR B 339 0.91 24.76 -2.87
CA THR B 339 0.87 23.82 -1.76
C THR B 339 2.22 23.15 -1.54
N GLY B 340 2.99 23.03 -2.61
CA GLY B 340 4.19 22.23 -2.59
C GLY B 340 3.79 20.80 -2.90
N HIS B 341 4.77 19.90 -2.87
CA HIS B 341 4.53 18.50 -3.16
C HIS B 341 4.15 17.76 -1.86
N LEU B 342 2.96 17.16 -1.86
CA LEU B 342 2.45 16.44 -0.69
C LEU B 342 2.74 14.94 -0.67
N LEU B 343 3.38 14.44 -1.73
CA LEU B 343 3.70 13.03 -1.78
C LEU B 343 2.45 12.17 -1.77
N GLY B 344 2.33 11.28 -0.79
CA GLY B 344 1.22 10.36 -0.71
C GLY B 344 -0.13 11.04 -0.65
N ALA B 345 -0.16 12.29 -0.22
CA ALA B 345 -1.42 13.02 -0.14
C ALA B 345 -1.63 13.89 -1.37
N ALA B 346 -0.60 13.99 -2.20
CA ALA B 346 -0.63 14.84 -3.39
C ALA B 346 -1.77 14.45 -4.32
N GLY B 347 -1.82 13.17 -4.68
CA GLY B 347 -2.82 12.69 -5.63
C GLY B 347 -4.24 12.84 -5.14
N ALA B 348 -4.41 12.84 -3.82
CA ALA B 348 -5.73 12.94 -3.22
C ALA B 348 -6.20 14.40 -3.18
N VAL B 349 -5.32 15.28 -2.71
CA VAL B 349 -5.65 16.70 -2.59
C VAL B 349 -5.87 17.33 -3.96
N GLU B 350 -5.08 16.91 -4.94
CA GLU B 350 -5.18 17.46 -6.28
C GLU B 350 -6.37 16.89 -7.04
N SER B 351 -6.76 15.68 -6.71
CA SER B 351 -7.95 15.08 -7.32
C SER B 351 -9.20 15.79 -6.84
N ILE B 352 -9.13 16.41 -5.66
CA ILE B 352 -10.24 17.18 -5.14
C ILE B 352 -10.39 18.49 -5.93
N PHE B 353 -9.26 19.12 -6.25
CA PHE B 353 -9.26 20.34 -7.06
C PHE B 353 -9.91 20.11 -8.42
N THR B 354 -9.61 18.98 -9.05
CA THR B 354 -10.18 18.66 -10.36
C THR B 354 -11.70 18.45 -10.25
N VAL B 355 -12.14 17.96 -9.09
CA VAL B 355 -13.56 17.79 -8.86
C VAL B 355 -14.24 19.13 -8.61
N LEU B 356 -13.62 19.97 -7.78
CA LEU B 356 -14.16 21.29 -7.50
C LEU B 356 -14.12 22.18 -8.74
N ALA B 357 -13.09 22.00 -9.56
CA ALA B 357 -12.96 22.76 -10.80
C ALA B 357 -14.16 22.57 -11.70
N LEU B 358 -14.67 21.34 -11.77
CA LEU B 358 -15.86 21.04 -12.55
C LEU B 358 -17.09 21.72 -11.96
N ARG B 359 -17.16 21.74 -10.63
CA ARG B 359 -18.32 22.29 -9.94
C ARG B 359 -18.42 23.79 -10.15
N ASP B 360 -17.29 24.47 -10.01
CA ASP B 360 -17.24 25.93 -10.03
C ASP B 360 -16.81 26.48 -11.38
N GLN B 361 -16.45 25.58 -12.30
CA GLN B 361 -15.96 25.95 -13.62
C GLN B 361 -14.84 27.00 -13.53
N ALA B 362 -13.92 26.77 -12.60
CA ALA B 362 -12.77 27.66 -12.42
C ALA B 362 -11.49 26.85 -12.30
N ILE B 363 -10.45 27.26 -13.02
CA ILE B 363 -9.20 26.53 -13.07
C ILE B 363 -8.09 27.26 -12.33
N PRO B 364 -7.44 26.59 -11.35
CA PRO B 364 -6.36 27.24 -10.61
C PRO B 364 -5.14 27.54 -11.48
N ALA B 365 -4.36 28.55 -11.10
CA ALA B 365 -3.18 28.97 -11.86
C ALA B 365 -1.90 28.29 -11.38
N THR B 366 -0.86 28.38 -12.20
CA THR B 366 0.49 27.95 -11.84
C THR B 366 1.33 29.13 -11.40
N ILE B 367 1.24 29.48 -10.12
CA ILE B 367 1.98 30.61 -9.58
C ILE B 367 3.47 30.49 -9.85
N ASN B 368 4.14 31.64 -9.91
CA ASN B 368 5.59 31.74 -10.11
C ASN B 368 6.06 31.33 -11.51
N LEU B 369 5.14 31.20 -12.46
CA LEU B 369 5.53 30.96 -13.84
C LEU B 369 5.82 32.29 -14.53
N ASP B 370 7.01 32.82 -14.27
CA ASP B 370 7.42 34.12 -14.80
C ASP B 370 8.08 33.98 -16.16
N ASN B 371 8.78 32.87 -16.37
CA ASN B 371 9.54 32.62 -17.58
C ASN B 371 9.38 31.18 -18.09
N PRO B 372 8.73 31.00 -19.25
CA PRO B 372 8.63 29.65 -19.83
C PRO B 372 9.98 28.96 -20.02
N ASP B 373 10.03 27.64 -19.89
CA ASP B 373 11.25 26.89 -20.19
C ASP B 373 11.34 26.62 -21.69
N GLU B 374 12.47 26.04 -22.11
CA GLU B 374 12.78 25.79 -23.53
C GLU B 374 11.61 25.23 -24.34
N GLY B 375 11.12 24.05 -23.96
CA GLY B 375 10.12 23.34 -24.74
C GLY B 375 8.84 23.21 -23.95
N CYS B 376 8.48 24.28 -23.27
CA CYS B 376 7.25 24.35 -22.49
C CYS B 376 6.40 25.49 -23.03
N ASP B 377 5.43 25.12 -23.85
CA ASP B 377 4.69 26.08 -24.66
C ASP B 377 3.20 25.98 -24.39
N LEU B 378 2.83 24.98 -23.60
CA LEU B 378 1.42 24.71 -23.36
C LEU B 378 0.85 25.77 -22.44
N ASP B 379 -0.47 25.78 -22.39
CA ASP B 379 -1.18 26.74 -21.58
C ASP B 379 -1.19 26.31 -20.12
N TYR B 380 -0.28 26.87 -19.34
CA TYR B 380 -0.15 26.45 -17.95
C TYR B 380 -1.00 27.29 -17.01
N VAL B 381 -1.92 28.08 -17.58
CA VAL B 381 -2.70 29.03 -16.80
C VAL B 381 -1.76 29.85 -15.93
N PRO B 382 -0.92 30.67 -16.59
CA PRO B 382 0.32 31.24 -16.03
C PRO B 382 0.25 31.92 -14.65
N HIS B 383 -0.72 32.78 -14.37
CA HIS B 383 -0.69 33.52 -13.10
C HIS B 383 -2.01 33.64 -12.35
N ASP B 384 -3.11 33.79 -13.07
CA ASP B 384 -4.41 34.00 -12.42
C ASP B 384 -5.42 32.94 -12.85
N ALA B 385 -6.32 32.62 -11.93
CA ALA B 385 -7.34 31.62 -12.19
C ALA B 385 -8.25 32.06 -13.31
N ARG B 386 -8.40 31.21 -14.32
CA ARG B 386 -9.37 31.44 -15.36
C ARG B 386 -10.74 31.05 -14.87
N GLN B 387 -11.75 31.54 -15.57
CA GLN B 387 -13.08 30.99 -15.47
C GLN B 387 -13.44 30.54 -16.87
N VAL B 388 -13.85 29.28 -16.95
CA VAL B 388 -14.17 28.62 -18.20
C VAL B 388 -15.59 28.14 -18.11
N LYS B 389 -16.19 27.80 -19.24
CA LYS B 389 -17.58 27.40 -19.21
C LYS B 389 -17.89 26.21 -20.11
N ASP B 390 -18.95 25.50 -19.75
CA ASP B 390 -19.35 24.27 -20.43
C ASP B 390 -18.21 23.26 -20.44
N MET B 391 -17.49 23.15 -19.31
CA MET B 391 -16.43 22.16 -19.18
C MET B 391 -16.97 20.94 -18.45
N GLU B 392 -16.50 19.77 -18.86
CA GLU B 392 -17.14 18.52 -18.46
C GLU B 392 -16.18 17.40 -18.08
N TYR B 393 -14.96 17.41 -18.60
CA TYR B 393 -13.98 16.38 -18.23
C TYR B 393 -12.68 16.95 -17.71
N THR B 394 -12.20 16.35 -16.62
CA THR B 394 -10.94 16.73 -15.99
C THR B 394 -10.00 15.55 -15.95
N LEU B 395 -8.71 15.84 -15.96
CA LEU B 395 -7.67 14.82 -15.95
C LEU B 395 -6.71 15.14 -14.81
N CYS B 396 -6.61 14.22 -13.84
CA CYS B 396 -5.72 14.42 -12.70
C CYS B 396 -4.52 13.48 -12.81
N ASN B 397 -3.33 14.04 -12.73
CA ASN B 397 -2.10 13.27 -12.89
C ASN B 397 -1.21 13.25 -11.65
N SER B 398 -0.58 12.11 -11.42
CA SER B 398 0.50 11.98 -10.46
C SER B 398 1.47 10.91 -10.93
N PHE B 399 2.75 11.24 -10.95
CA PHE B 399 3.81 10.35 -11.38
C PHE B 399 4.86 10.22 -10.29
N GLY B 400 4.86 9.08 -9.58
CA GLY B 400 5.66 8.93 -8.38
C GLY B 400 6.95 8.16 -8.55
N PHE B 401 7.79 8.21 -7.50
CA PHE B 401 9.06 7.51 -7.48
C PHE B 401 8.88 6.01 -7.71
N GLY B 402 9.87 5.38 -8.33
CA GLY B 402 9.76 3.99 -8.73
C GLY B 402 9.18 3.88 -10.12
N GLY B 403 8.92 5.04 -10.73
CA GLY B 403 8.34 5.09 -12.06
C GLY B 403 6.88 4.71 -12.07
N THR B 404 6.19 4.95 -10.96
CA THR B 404 4.78 4.62 -10.83
C THR B 404 3.91 5.75 -11.36
N ASN B 405 3.03 5.44 -12.32
CA ASN B 405 2.16 6.44 -12.91
C ASN B 405 0.69 6.10 -12.77
N GLY B 406 -0.13 7.13 -12.62
CA GLY B 406 -1.55 6.95 -12.44
C GLY B 406 -2.33 8.20 -12.80
N SER B 407 -3.49 8.01 -13.40
CA SER B 407 -4.33 9.12 -13.81
C SER B 407 -5.81 8.84 -13.57
N LEU B 408 -6.55 9.88 -13.20
CA LEU B 408 -7.99 9.78 -13.01
C LEU B 408 -8.73 10.75 -13.93
N VAL B 409 -9.87 10.29 -14.43
CA VAL B 409 -10.74 11.14 -15.24
C VAL B 409 -12.06 11.35 -14.51
N PHE B 410 -12.40 12.61 -14.26
CA PHE B 410 -13.68 12.96 -13.65
C PHE B 410 -14.62 13.59 -14.68
N ARG B 411 -15.92 13.40 -14.48
CA ARG B 411 -16.95 13.92 -15.37
C ARG B 411 -17.94 14.79 -14.60
N LYS B 412 -18.30 15.93 -15.17
CA LYS B 412 -19.22 16.84 -14.50
C LYS B 412 -20.62 16.23 -14.40
N VAL B 413 -21.13 16.14 -13.17
CA VAL B 413 -22.49 15.67 -12.94
C VAL B 413 -23.09 16.38 -11.73
#